data_3O5B
#
_entry.id   3O5B
#
_cell.length_a   98.140
_cell.length_b   122.200
_cell.length_c   92.300
_cell.angle_alpha   90.00
_cell.angle_beta   90.00
_cell.angle_gamma   90.00
#
_symmetry.space_group_name_H-M   'P 21 21 2'
#
loop_
_entity.id
_entity.type
_entity.pdbx_description
1 polymer Hexokinase
2 non-polymer beta-D-glucopyranose
3 non-polymer 'SULFATE ION'
4 water water
#
_entity_poly.entity_id   1
_entity_poly.type   'polypeptide(L)'
_entity_poly.pdbx_seq_one_letter_code
;MVRLGPKKPPARKGSMADVPANLMEQIHGLETLFTVSSEKMRSIVKHFISELDKGLSKKGGNIPMIPGWVVEYPTGKETG
DFLALDLGGTNLRVVLVKLGGNHDFDTTQNKYRLPDHLRTGTSEQLWSFIAKCLKEFVDEWYPDGVSEPLPLGFTFSYPA
SQKKINSGVLQRWTKGFDIEGVEGHDVVPMLQEQIEKLNIPINVVALINDTTGTLVASLYTDPQTKMGIIIGTGVNGAYY
DVVSGIEKLEGLLPEDIGPDSPMAINCEYGSFDNEHLVLPRTKYDVIIDEESPRPGQQAFEKMTSGYYLGEIMRLVLLDL
YDSGFIFKDQDISKLKEAYVMDTSYPSKIEDDPFENLEDTDDLFKTNLNIETTVVERKLIRKLAELVGTRAARLTVCGVS
AICDKRGYKTAHIAADGSVFNRYPGYKEKAAQALKDIYNWDVEKMEDHPIQLVAAEDGSGVGAAIIACLTQKRLAAGKSV
GIKGE
;
_entity_poly.pdbx_strand_id   A,B
#
# COMPACT_ATOMS: atom_id res chain seq x y z
N LYS A 7 -6.12 -0.78 9.75
CA LYS A 7 -6.06 0.50 10.53
C LYS A 7 -4.71 1.21 10.41
N LYS A 8 -4.65 2.25 9.56
CA LYS A 8 -3.51 3.20 9.55
C LYS A 8 -3.60 4.11 10.78
N PRO A 9 -2.43 4.53 11.33
CA PRO A 9 -2.43 5.20 12.66
C PRO A 9 -3.08 6.61 12.59
N PRO A 10 -3.57 7.14 13.73
CA PRO A 10 -4.06 8.53 13.66
C PRO A 10 -2.86 9.47 13.43
N ALA A 11 -3.09 10.66 12.89
CA ALA A 11 -1.98 11.61 12.82
C ALA A 11 -1.46 11.79 14.23
N ARG A 12 -0.14 11.90 14.38
CA ARG A 12 0.48 12.31 15.65
C ARG A 12 -0.07 13.68 16.10
N LYS A 13 0.07 14.00 17.37
CA LYS A 13 -0.44 15.26 17.91
C LYS A 13 0.45 16.41 17.48
N GLY A 14 1.76 16.26 17.65
CA GLY A 14 2.71 17.20 17.08
C GLY A 14 2.70 18.54 17.79
N SER A 15 2.78 18.47 19.11
CA SER A 15 3.00 19.61 20.00
C SER A 15 4.31 20.31 19.68
N MET A 16 4.26 21.65 19.66
CA MET A 16 5.42 22.50 19.39
C MET A 16 5.89 23.18 20.66
N ALA A 17 5.19 22.89 21.77
CA ALA A 17 5.47 23.44 23.08
C ALA A 17 6.95 23.42 23.47
N ASP A 18 7.68 22.37 23.09
CA ASP A 18 9.07 22.19 23.57
C ASP A 18 10.17 22.71 22.61
N VAL A 19 9.76 23.26 21.47
CA VAL A 19 10.71 23.77 20.48
C VAL A 19 11.30 25.13 20.89
N PRO A 20 12.66 25.26 20.87
CA PRO A 20 13.37 26.48 21.23
C PRO A 20 12.92 27.70 20.41
N ALA A 21 12.86 28.87 21.03
CA ALA A 21 12.39 30.09 20.38
C ALA A 21 13.10 30.36 19.06
N ASN A 22 14.43 30.17 19.06
CA ASN A 22 15.25 30.43 17.89
CA ASN A 22 15.28 30.39 17.90
C ASN A 22 14.82 29.63 16.66
N LEU A 23 14.36 28.39 16.90
CA LEU A 23 13.86 27.52 15.86
C LEU A 23 12.39 27.78 15.57
N MET A 24 11.63 28.09 16.61
CA MET A 24 10.20 28.37 16.43
C MET A 24 9.99 29.60 15.52
N GLU A 25 10.89 30.57 15.63
CA GLU A 25 10.88 31.73 14.73
C GLU A 25 11.13 31.31 13.30
N GLN A 26 12.03 30.35 13.10
CA GLN A 26 12.37 29.87 11.75
C GLN A 26 11.23 29.07 11.15
N ILE A 27 10.61 28.19 11.94
CA ILE A 27 9.38 27.51 11.48
C ILE A 27 8.32 28.55 11.07
N HIS A 28 8.16 29.59 11.89
CA HIS A 28 7.14 30.59 11.59
C HIS A 28 7.44 31.33 10.26
N GLY A 29 8.71 31.65 10.05
CA GLY A 29 9.25 32.17 8.80
C GLY A 29 8.95 31.25 7.62
N LEU A 30 9.15 29.95 7.80
CA LEU A 30 8.84 28.99 6.72
C LEU A 30 7.34 28.80 6.50
N GLU A 31 6.56 28.85 7.56
CA GLU A 31 5.13 28.77 7.38
C GLU A 31 4.65 29.91 6.47
N THR A 32 4.98 31.16 6.81
CA THR A 32 4.52 32.34 6.08
C THR A 32 4.95 32.24 4.61
N LEU A 33 6.15 31.69 4.41
CA LEU A 33 6.74 31.50 3.09
C LEU A 33 6.07 30.43 2.24
N PHE A 34 5.61 29.35 2.88
CA PHE A 34 5.09 28.23 2.11
C PHE A 34 3.58 28.12 2.13
N THR A 35 2.92 28.95 2.94
CA THR A 35 1.45 28.96 2.97
C THR A 35 0.90 29.56 1.67
N VAL A 36 -0.12 28.94 1.09
CA VAL A 36 -0.88 29.53 0.00
C VAL A 36 -2.29 29.84 0.51
N SER A 37 -2.63 31.11 0.64
CA SER A 37 -3.95 31.55 1.14
C SER A 37 -5.09 31.27 0.13
N SER A 38 -6.33 31.31 0.58
CA SER A 38 -7.48 31.18 -0.34
C SER A 38 -7.39 32.30 -1.38
N GLU A 39 -7.08 33.53 -0.93
CA GLU A 39 -7.04 34.67 -1.84
C GLU A 39 -5.93 34.48 -2.90
N LYS A 40 -4.78 33.95 -2.51
CA LYS A 40 -3.67 33.76 -3.43
C LYS A 40 -4.07 32.68 -4.42
N MET A 41 -4.63 31.57 -3.93
CA MET A 41 -5.14 30.56 -4.86
C MET A 41 -6.14 31.12 -5.89
N ARG A 42 -7.11 31.90 -5.43
CA ARG A 42 -8.14 32.38 -6.33
C ARG A 42 -7.58 33.34 -7.40
N SER A 43 -6.56 34.11 -7.02
CA SER A 43 -5.86 34.98 -7.97
C SER A 43 -5.07 34.11 -8.98
N ILE A 44 -4.29 33.13 -8.50
CA ILE A 44 -3.57 32.17 -9.39
C ILE A 44 -4.55 31.57 -10.40
N VAL A 45 -5.72 31.16 -9.89
CA VAL A 45 -6.74 30.56 -10.73
C VAL A 45 -7.19 31.53 -11.83
N LYS A 46 -7.43 32.78 -11.47
CA LYS A 46 -7.80 33.80 -12.46
C LYS A 46 -6.79 33.93 -13.59
N HIS A 47 -5.50 33.97 -13.24
CA HIS A 47 -4.49 34.04 -14.26
C HIS A 47 -4.46 32.73 -15.05
N PHE A 48 -4.65 31.61 -14.36
CA PHE A 48 -4.56 30.30 -15.00
C PHE A 48 -5.63 30.25 -16.07
N ILE A 49 -6.85 30.71 -15.75
CA ILE A 49 -7.92 30.72 -16.76
C ILE A 49 -7.53 31.53 -18.02
N SER A 50 -6.99 32.75 -17.82
CA SER A 50 -6.56 33.59 -18.96
C SER A 50 -5.58 32.85 -19.81
N GLU A 51 -4.70 32.09 -19.17
CA GLU A 51 -3.66 31.40 -19.94
C GLU A 51 -4.21 30.14 -20.63
N LEU A 52 -5.22 29.49 -20.05
CA LEU A 52 -5.88 28.39 -20.75
C LEU A 52 -6.56 28.99 -22.01
N ASP A 53 -7.24 30.12 -21.88
CA ASP A 53 -7.82 30.76 -23.06
C ASP A 53 -6.77 31.24 -24.05
N LYS A 54 -5.69 31.85 -23.55
CA LYS A 54 -4.64 32.29 -24.45
C LYS A 54 -4.10 31.14 -25.28
N GLY A 55 -3.95 29.98 -24.66
CA GLY A 55 -3.37 28.82 -25.27
C GLY A 55 -4.20 28.29 -26.41
N LEU A 56 -5.53 28.46 -26.31
CA LEU A 56 -6.43 28.05 -27.35
C LEU A 56 -6.58 29.07 -28.49
N SER A 57 -6.07 30.31 -28.31
CA SER A 57 -6.34 31.41 -29.22
C SER A 57 -5.42 31.25 -30.42
N LYS A 58 -5.78 31.92 -31.51
CA LYS A 58 -4.93 31.95 -32.73
C LYS A 58 -3.48 32.34 -32.41
N LYS A 59 -3.28 33.32 -31.51
CA LYS A 59 -1.92 33.74 -31.06
C LYS A 59 -1.18 32.73 -30.20
N GLY A 60 -1.92 31.87 -29.53
CA GLY A 60 -1.30 30.96 -28.58
C GLY A 60 -0.59 31.57 -27.38
N GLY A 61 -0.11 30.67 -26.54
CA GLY A 61 0.52 31.08 -25.28
C GLY A 61 1.58 30.10 -24.83
N ASN A 62 2.01 30.31 -23.60
CA ASN A 62 2.85 29.43 -22.89
C ASN A 62 2.27 28.05 -22.58
N ILE A 63 0.95 27.95 -22.49
CA ILE A 63 0.31 26.70 -22.27
C ILE A 63 -0.16 26.11 -23.61
N PRO A 64 0.37 24.94 -23.97
CA PRO A 64 0.11 24.41 -25.31
C PRO A 64 -1.37 24.25 -25.67
N MET A 65 -2.21 23.80 -24.75
CA MET A 65 -3.65 23.55 -25.04
C MET A 65 -3.86 22.81 -26.36
N ILE A 66 -3.34 21.59 -26.43
CA ILE A 66 -3.24 20.83 -27.67
C ILE A 66 -4.53 20.06 -27.95
N PRO A 67 -5.16 20.32 -29.09
CA PRO A 67 -6.35 19.57 -29.40
C PRO A 67 -6.02 18.09 -29.48
N GLY A 68 -6.81 17.26 -28.80
CA GLY A 68 -6.55 15.82 -28.84
C GLY A 68 -7.30 15.06 -29.94
N TRP A 69 -8.10 15.76 -30.73
CA TRP A 69 -8.89 15.15 -31.82
C TRP A 69 -9.85 14.02 -31.36
N VAL A 70 -10.30 14.09 -30.11
CA VAL A 70 -11.43 13.28 -29.65
C VAL A 70 -12.58 14.29 -29.61
N VAL A 71 -13.61 14.07 -30.43
CA VAL A 71 -14.60 15.12 -30.68
C VAL A 71 -16.00 14.67 -30.26
N GLU A 72 -16.07 13.65 -29.39
CA GLU A 72 -17.28 13.25 -28.75
C GLU A 72 -16.94 12.75 -27.34
N TYR A 73 -17.96 12.71 -26.48
CA TYR A 73 -17.86 12.07 -25.17
C TYR A 73 -18.21 10.58 -25.37
N PRO A 74 -17.48 9.67 -24.68
CA PRO A 74 -17.93 8.28 -24.62
C PRO A 74 -19.25 8.24 -23.84
N THR A 75 -20.18 7.43 -24.29
CA THR A 75 -21.49 7.42 -23.68
C THR A 75 -21.58 6.27 -22.67
N GLY A 76 -20.57 5.41 -22.62
CA GLY A 76 -20.68 4.17 -21.82
C GLY A 76 -21.41 3.04 -22.47
N LYS A 77 -21.93 3.26 -23.68
CA LYS A 77 -22.79 2.24 -24.40
C LYS A 77 -21.97 1.48 -25.45
N GLU A 78 -20.79 2.00 -25.73
CA GLU A 78 -19.85 1.46 -26.69
C GLU A 78 -19.53 0.02 -26.36
N THR A 79 -19.39 -0.80 -27.39
CA THR A 79 -19.10 -2.23 -27.18
C THR A 79 -18.02 -2.63 -28.16
N GLY A 80 -17.39 -3.78 -27.97
CA GLY A 80 -16.45 -4.28 -28.96
C GLY A 80 -15.05 -4.47 -28.39
N ASP A 81 -14.14 -4.95 -29.25
CA ASP A 81 -12.74 -5.28 -28.89
C ASP A 81 -11.78 -4.29 -29.51
N PHE A 82 -10.96 -3.69 -28.66
CA PHE A 82 -10.07 -2.63 -29.10
C PHE A 82 -8.73 -2.88 -28.47
N LEU A 83 -7.66 -2.47 -29.17
CA LEU A 83 -6.31 -2.60 -28.63
C LEU A 83 -5.77 -1.28 -28.22
N ALA A 84 -4.83 -1.33 -27.25
CA ALA A 84 -3.99 -0.22 -26.90
C ALA A 84 -2.51 -0.63 -26.86
N LEU A 85 -1.68 0.30 -27.22
CA LEU A 85 -0.26 0.07 -27.04
C LEU A 85 0.18 1.23 -26.19
N ASP A 86 0.88 0.95 -25.09
CA ASP A 86 1.42 2.01 -24.26
C ASP A 86 2.92 1.91 -24.31
N LEU A 87 3.55 2.86 -24.96
CA LEU A 87 4.98 2.84 -25.04
C LEU A 87 5.67 3.77 -24.02
N GLY A 88 6.32 3.15 -23.01
CA GLY A 88 7.10 3.85 -21.97
C GLY A 88 8.55 3.98 -22.36
N GLY A 89 9.40 4.33 -21.40
CA GLY A 89 10.85 4.39 -21.67
C GLY A 89 11.57 3.06 -21.44
N THR A 90 10.92 2.16 -20.74
CA THR A 90 11.60 0.94 -20.29
C THR A 90 10.74 -0.28 -20.62
N ASN A 91 9.45 -0.04 -20.90
CA ASN A 91 8.42 -1.06 -21.04
C ASN A 91 7.38 -0.61 -22.04
N LEU A 92 6.74 -1.55 -22.66
CA LEU A 92 5.53 -1.26 -23.40
C LEU A 92 4.48 -2.25 -22.92
N ARG A 93 3.22 -1.87 -23.05
CA ARG A 93 2.13 -2.71 -22.58
C ARG A 93 1.27 -2.82 -23.80
N VAL A 94 0.79 -4.02 -24.02
CA VAL A 94 -0.26 -4.26 -25.01
C VAL A 94 -1.47 -4.71 -24.24
N VAL A 95 -2.60 -4.09 -24.55
CA VAL A 95 -3.82 -4.32 -23.82
C VAL A 95 -5.00 -4.55 -24.78
N LEU A 96 -5.74 -5.63 -24.55
CA LEU A 96 -6.99 -5.88 -25.25
C LEU A 96 -8.16 -5.54 -24.33
N VAL A 97 -9.02 -4.62 -24.80
CA VAL A 97 -10.14 -4.10 -24.00
C VAL A 97 -11.42 -4.45 -24.71
N LYS A 98 -12.31 -5.11 -23.98
CA LYS A 98 -13.62 -5.41 -24.49
C LYS A 98 -14.58 -4.52 -23.70
N LEU A 99 -15.21 -3.59 -24.41
CA LEU A 99 -16.18 -2.67 -23.81
C LEU A 99 -17.47 -3.39 -23.69
N GLY A 100 -18.01 -3.43 -22.49
CA GLY A 100 -19.29 -4.15 -22.25
C GLY A 100 -20.52 -3.28 -22.53
N GLY A 101 -20.33 -2.01 -22.86
CA GLY A 101 -21.52 -1.21 -23.23
C GLY A 101 -22.44 -0.82 -22.07
N ASN A 102 -21.99 -1.03 -20.84
CA ASN A 102 -22.68 -0.43 -19.70
C ASN A 102 -21.61 0.22 -18.79
N HIS A 103 -20.80 1.09 -19.37
CA HIS A 103 -19.76 1.77 -18.60
C HIS A 103 -18.78 0.78 -18.02
N ASP A 104 -18.60 -0.35 -18.70
CA ASP A 104 -17.83 -1.46 -18.15
C ASP A 104 -16.90 -2.03 -19.20
N PHE A 105 -15.89 -2.72 -18.74
CA PHE A 105 -14.88 -3.25 -19.64
C PHE A 105 -14.12 -4.39 -19.01
N ASP A 106 -13.42 -5.15 -19.86
CA ASP A 106 -12.60 -6.29 -19.47
C ASP A 106 -11.25 -6.06 -20.17
N THR A 107 -10.14 -6.41 -19.53
CA THR A 107 -8.83 -6.18 -20.13
C THR A 107 -8.11 -7.46 -20.09
N THR A 108 -7.29 -7.69 -21.09
CA THR A 108 -6.35 -8.79 -21.12
C THR A 108 -5.06 -8.05 -21.52
N GLN A 109 -4.00 -8.22 -20.77
CA GLN A 109 -2.81 -7.40 -21.13
C GLN A 109 -1.49 -8.10 -20.93
N ASN A 110 -0.49 -7.72 -21.76
CA ASN A 110 0.87 -8.14 -21.58
C ASN A 110 1.77 -6.95 -21.38
N LYS A 111 2.96 -7.18 -20.82
CA LYS A 111 3.94 -6.10 -20.73
C LYS A 111 5.25 -6.65 -21.23
N TYR A 112 6.02 -5.80 -21.89
CA TYR A 112 7.31 -6.24 -22.45
C TYR A 112 8.30 -5.21 -22.09
N ARG A 113 9.41 -5.66 -21.53
CA ARG A 113 10.51 -4.81 -21.17
C ARG A 113 11.24 -4.44 -22.46
N LEU A 114 11.57 -3.16 -22.61
CA LEU A 114 12.20 -2.67 -23.82
C LEU A 114 13.66 -2.93 -23.64
N PRO A 115 14.26 -3.69 -24.57
CA PRO A 115 15.65 -3.95 -24.45
C PRO A 115 16.48 -2.64 -24.46
N ASP A 116 17.52 -2.55 -23.64
CA ASP A 116 18.25 -1.28 -23.50
C ASP A 116 18.69 -0.72 -24.84
N HIS A 117 19.21 -1.60 -25.69
CA HIS A 117 19.51 -1.25 -27.07
C HIS A 117 18.52 -0.30 -27.75
N LEU A 118 17.22 -0.52 -27.64
CA LEU A 118 16.29 0.15 -28.50
C LEU A 118 16.24 1.65 -28.28
N ARG A 119 16.55 2.08 -27.06
CA ARG A 119 16.47 3.50 -26.74
C ARG A 119 17.44 4.31 -27.60
N THR A 120 18.51 3.68 -28.08
CA THR A 120 19.46 4.41 -28.92
C THR A 120 19.73 3.75 -30.28
N GLY A 121 18.89 2.80 -30.66
CA GLY A 121 19.14 2.09 -31.91
C GLY A 121 18.47 2.75 -33.10
N THR A 122 18.08 1.93 -34.07
CA THR A 122 17.46 2.41 -35.33
C THR A 122 15.93 2.48 -35.22
N SER A 123 15.34 3.22 -36.14
CA SER A 123 13.89 3.39 -36.19
C SER A 123 13.28 2.05 -36.49
N GLU A 124 13.77 1.37 -37.53
CA GLU A 124 13.18 0.06 -37.88
C GLU A 124 13.25 -0.94 -36.71
N GLN A 125 14.34 -0.94 -35.94
CA GLN A 125 14.42 -1.81 -34.76
C GLN A 125 13.38 -1.53 -33.68
N LEU A 126 13.09 -0.26 -33.41
CA LEU A 126 12.05 0.09 -32.43
C LEU A 126 10.69 -0.39 -32.91
N TRP A 127 10.35 -0.03 -34.13
CA TRP A 127 9.01 -0.36 -34.59
C TRP A 127 8.84 -1.86 -34.88
N SER A 128 9.90 -2.59 -35.32
CA SER A 128 9.77 -4.06 -35.44
C SER A 128 9.64 -4.75 -34.12
N PHE A 129 10.31 -4.26 -33.08
CA PHE A 129 10.16 -4.87 -31.75
C PHE A 129 8.72 -4.69 -31.29
N ILE A 130 8.18 -3.50 -31.49
CA ILE A 130 6.78 -3.26 -31.04
C ILE A 130 5.84 -4.20 -31.79
N ALA A 131 6.04 -4.30 -33.11
CA ALA A 131 5.18 -5.13 -33.96
C ALA A 131 5.27 -6.59 -33.54
N LYS A 132 6.47 -7.06 -33.21
CA LYS A 132 6.64 -8.44 -32.81
C LYS A 132 5.90 -8.71 -31.51
N CYS A 133 5.90 -7.76 -30.58
CA CYS A 133 5.07 -7.89 -29.38
C CYS A 133 3.60 -7.94 -29.70
N LEU A 134 3.17 -7.06 -30.62
CA LEU A 134 1.74 -7.05 -31.03
C LEU A 134 1.38 -8.39 -31.65
N LYS A 135 2.25 -8.90 -32.54
CA LYS A 135 1.99 -10.18 -33.17
C LYS A 135 1.89 -11.30 -32.13
N GLU A 136 2.80 -11.35 -31.17
CA GLU A 136 2.75 -12.39 -30.12
C GLU A 136 1.44 -12.31 -29.33
N PHE A 137 1.03 -11.08 -29.04
CA PHE A 137 -0.19 -10.83 -28.28
C PHE A 137 -1.45 -11.30 -29.07
N VAL A 138 -1.58 -10.83 -30.31
CA VAL A 138 -2.74 -11.12 -31.18
C VAL A 138 -2.84 -12.60 -31.52
N ASP A 139 -1.70 -13.20 -31.85
CA ASP A 139 -1.67 -14.63 -32.10
C ASP A 139 -2.21 -15.47 -30.97
N GLU A 140 -1.94 -15.08 -29.72
CA GLU A 140 -2.42 -15.85 -28.54
C GLU A 140 -3.92 -15.61 -28.34
N TRP A 141 -4.36 -14.36 -28.47
CA TRP A 141 -5.71 -14.03 -28.05
C TRP A 141 -6.72 -14.23 -29.17
N TYR A 142 -6.19 -14.43 -30.38
CA TYR A 142 -6.95 -14.57 -31.63
C TYR A 142 -6.23 -15.55 -32.53
N PRO A 143 -6.17 -16.83 -32.11
CA PRO A 143 -5.39 -17.83 -32.87
C PRO A 143 -6.02 -18.18 -34.24
N ASP A 144 -7.33 -17.94 -34.36
CA ASP A 144 -8.08 -18.12 -35.60
C ASP A 144 -7.96 -16.93 -36.57
N GLY A 145 -7.12 -15.96 -36.22
CA GLY A 145 -7.11 -14.70 -36.94
C GLY A 145 -8.35 -13.92 -36.52
N VAL A 146 -8.75 -12.97 -37.35
CA VAL A 146 -9.69 -11.95 -36.90
C VAL A 146 -10.64 -11.44 -38.02
N SER A 147 -11.91 -11.26 -37.65
CA SER A 147 -13.00 -10.86 -38.57
C SER A 147 -12.66 -9.57 -39.33
N GLU A 148 -12.63 -8.47 -38.58
CA GLU A 148 -12.14 -7.17 -39.03
C GLU A 148 -10.81 -6.92 -38.31
N PRO A 149 -9.89 -6.14 -38.89
CA PRO A 149 -8.73 -5.84 -38.05
C PRO A 149 -9.11 -5.17 -36.73
N LEU A 150 -8.24 -5.29 -35.73
CA LEU A 150 -8.43 -4.55 -34.48
C LEU A 150 -7.91 -3.14 -34.57
N PRO A 151 -8.77 -2.18 -34.22
CA PRO A 151 -8.40 -0.78 -34.09
C PRO A 151 -7.49 -0.65 -32.86
N LEU A 152 -6.34 0.03 -33.00
CA LEU A 152 -5.44 0.17 -31.94
C LEU A 152 -5.28 1.64 -31.62
N GLY A 153 -5.29 1.99 -30.31
CA GLY A 153 -4.88 3.30 -29.85
C GLY A 153 -3.50 3.24 -29.28
N PHE A 154 -2.70 4.23 -29.64
CA PHE A 154 -1.30 4.20 -29.34
C PHE A 154 -0.99 5.37 -28.42
N THR A 155 -0.69 5.10 -27.15
CA THR A 155 -0.15 6.14 -26.20
C THR A 155 1.33 6.32 -26.43
N PHE A 156 1.72 7.49 -26.94
CA PHE A 156 3.06 7.82 -27.33
C PHE A 156 3.32 9.08 -26.53
N SER A 157 3.77 8.96 -25.30
CA SER A 157 3.80 10.15 -24.47
C SER A 157 5.23 10.78 -24.61
N TYR A 158 5.40 11.47 -25.75
CA TYR A 158 6.62 12.20 -26.16
C TYR A 158 5.98 13.34 -26.92
N PRO A 159 6.60 14.53 -26.91
CA PRO A 159 6.02 15.71 -27.58
C PRO A 159 5.80 15.42 -29.06
N ALA A 160 4.56 15.44 -29.49
CA ALA A 160 4.25 15.17 -30.86
C ALA A 160 3.14 16.13 -31.27
N SER A 161 3.15 16.55 -32.53
CA SER A 161 2.03 17.37 -32.98
C SER A 161 1.13 16.50 -33.83
N GLN A 162 -0.16 16.80 -33.78
CA GLN A 162 -1.17 16.05 -34.52
C GLN A 162 -2.11 17.00 -35.24
N LYS A 163 -2.17 16.86 -36.56
CA LYS A 163 -3.18 17.54 -37.38
C LYS A 163 -4.41 16.68 -37.45
N LYS A 164 -4.27 15.44 -36.99
CA LYS A 164 -5.42 14.52 -36.90
C LYS A 164 -5.07 13.42 -35.93
N ILE A 165 -6.06 12.67 -35.47
CA ILE A 165 -5.80 11.74 -34.36
C ILE A 165 -4.94 10.53 -34.74
N ASN A 166 -5.05 10.09 -36.01
CA ASN A 166 -4.27 8.93 -36.48
C ASN A 166 -2.97 9.34 -37.13
N SER A 167 -2.33 10.32 -36.53
CA SER A 167 -1.04 10.81 -36.97
C SER A 167 -0.29 11.32 -35.72
N GLY A 168 1.03 11.35 -35.74
CA GLY A 168 1.73 11.94 -34.61
C GLY A 168 3.15 12.26 -35.08
N VAL A 169 3.46 13.53 -35.25
CA VAL A 169 4.73 13.86 -35.76
C VAL A 169 5.62 14.13 -34.56
N LEU A 170 6.57 13.24 -34.29
CA LEU A 170 7.50 13.43 -33.17
C LEU A 170 8.26 14.74 -33.25
N GLN A 171 8.15 15.58 -32.23
CA GLN A 171 8.95 16.83 -32.28
C GLN A 171 10.29 16.66 -31.61
N ARG A 172 10.30 15.88 -30.51
CA ARG A 172 11.55 15.68 -29.78
C ARG A 172 11.46 14.49 -28.83
N TRP A 173 12.37 13.52 -28.99
CA TRP A 173 12.48 12.36 -28.09
C TRP A 173 12.76 12.80 -26.67
N THR A 174 12.18 12.13 -25.69
CA THR A 174 12.59 12.40 -24.31
C THR A 174 13.11 11.11 -23.63
N LYS A 175 13.49 11.22 -22.35
CA LYS A 175 13.75 10.04 -21.48
C LYS A 175 14.79 9.09 -22.10
N GLY A 176 15.95 9.66 -22.42
CA GLY A 176 17.07 8.90 -22.99
C GLY A 176 16.92 8.31 -24.39
N PHE A 177 15.74 8.43 -25.02
CA PHE A 177 15.58 7.96 -26.40
C PHE A 177 16.38 8.84 -27.35
N ASP A 178 17.23 8.22 -28.16
CA ASP A 178 18.06 8.93 -29.10
C ASP A 178 18.01 8.19 -30.42
N ILE A 179 16.82 7.97 -30.96
CA ILE A 179 16.68 7.23 -32.24
C ILE A 179 16.65 8.17 -33.41
N GLU A 180 17.64 7.98 -34.28
CA GLU A 180 17.84 8.79 -35.49
C GLU A 180 16.71 8.62 -36.49
N GLY A 181 16.39 9.70 -37.21
CA GLY A 181 15.41 9.57 -38.28
C GLY A 181 13.93 9.50 -37.89
N VAL A 182 13.57 9.98 -36.71
CA VAL A 182 12.17 9.86 -36.30
C VAL A 182 11.56 11.23 -35.98
N GLU A 183 12.38 12.10 -35.40
CA GLU A 183 11.92 13.46 -35.09
C GLU A 183 11.62 14.15 -36.40
N GLY A 184 10.44 14.74 -36.52
CA GLY A 184 10.10 15.44 -37.76
C GLY A 184 9.24 14.53 -38.63
N HIS A 185 9.03 13.29 -38.20
CA HIS A 185 8.31 12.31 -39.00
C HIS A 185 7.11 11.80 -38.24
N ASP A 186 6.10 11.40 -39.00
CA ASP A 186 4.91 10.77 -38.45
C ASP A 186 5.19 9.33 -38.08
N VAL A 187 5.00 9.02 -36.79
CA VAL A 187 5.31 7.68 -36.29
C VAL A 187 4.22 6.69 -36.57
N VAL A 188 3.00 7.15 -36.81
CA VAL A 188 1.94 6.20 -37.03
C VAL A 188 2.21 5.26 -38.24
N PRO A 189 2.53 5.82 -39.44
CA PRO A 189 2.92 4.94 -40.57
C PRO A 189 4.15 4.04 -40.27
N MET A 190 5.08 4.51 -39.46
CA MET A 190 6.24 3.71 -39.07
C MET A 190 5.84 2.43 -38.36
N LEU A 191 4.87 2.54 -37.45
CA LEU A 191 4.44 1.39 -36.69
C LEU A 191 3.52 0.54 -37.56
N GLN A 192 2.63 1.20 -38.29
CA GLN A 192 1.72 0.52 -39.18
C GLN A 192 2.46 -0.31 -40.25
N GLU A 193 3.52 0.20 -40.84
CA GLU A 193 4.17 -0.64 -41.82
C GLU A 193 4.85 -1.88 -41.24
N GLN A 194 5.26 -1.86 -39.97
CA GLN A 194 5.85 -3.05 -39.34
C GLN A 194 4.75 -4.06 -38.97
N ILE A 195 3.61 -3.54 -38.54
CA ILE A 195 2.38 -4.37 -38.37
C ILE A 195 2.06 -5.11 -39.68
N GLU A 196 2.05 -4.37 -40.78
CA GLU A 196 1.76 -4.93 -42.10
C GLU A 196 2.81 -5.95 -42.53
N LYS A 197 4.10 -5.64 -42.32
CA LYS A 197 5.18 -6.57 -42.67
C LYS A 197 4.94 -7.93 -41.99
N LEU A 198 4.19 -7.96 -40.89
CA LEU A 198 3.98 -9.23 -40.17
C LEU A 198 2.56 -9.73 -40.33
N ASN A 199 1.79 -9.08 -41.21
CA ASN A 199 0.42 -9.46 -41.51
C ASN A 199 -0.43 -9.66 -40.28
N ILE A 200 -0.21 -8.80 -39.28
CA ILE A 200 -0.99 -8.74 -38.05
C ILE A 200 -2.22 -7.95 -38.40
N PRO A 201 -3.41 -8.47 -38.05
CA PRO A 201 -4.69 -7.79 -38.31
C PRO A 201 -4.95 -6.61 -37.35
N ILE A 202 -4.13 -5.56 -37.43
CA ILE A 202 -4.35 -4.38 -36.57
C ILE A 202 -4.30 -3.13 -37.44
N ASN A 203 -5.22 -2.17 -37.19
CA ASN A 203 -5.17 -0.78 -37.73
C ASN A 203 -4.84 0.24 -36.67
N VAL A 204 -3.72 0.96 -36.77
CA VAL A 204 -3.46 1.99 -35.80
C VAL A 204 -4.33 3.22 -36.12
N VAL A 205 -5.31 3.48 -35.27
CA VAL A 205 -6.31 4.51 -35.58
C VAL A 205 -6.16 5.80 -34.73
N ALA A 206 -5.35 5.79 -33.66
CA ALA A 206 -5.29 6.96 -32.78
C ALA A 206 -3.99 6.97 -32.08
N LEU A 207 -3.41 8.15 -32.05
CA LEU A 207 -2.23 8.37 -31.23
C LEU A 207 -2.61 9.39 -30.18
N ILE A 208 -2.30 9.10 -28.92
CA ILE A 208 -2.72 9.95 -27.79
C ILE A 208 -1.61 10.17 -26.80
N ASN A 209 -1.80 11.19 -25.95
CA ASN A 209 -1.01 11.42 -24.75
C ASN A 209 -1.79 10.71 -23.64
N ASP A 210 -1.12 10.21 -22.61
CA ASP A 210 -1.84 9.41 -21.63
C ASP A 210 -2.93 10.16 -20.76
N THR A 211 -2.76 11.47 -20.57
CA THR A 211 -3.74 12.27 -19.80
C THR A 211 -5.05 12.35 -20.53
N THR A 212 -4.95 12.53 -21.85
CA THR A 212 -6.15 12.43 -22.69
C THR A 212 -6.84 11.06 -22.48
N GLY A 213 -6.06 10.00 -22.43
CA GLY A 213 -6.60 8.62 -22.17
C GLY A 213 -7.28 8.55 -20.80
N THR A 214 -6.65 9.19 -19.85
CA THR A 214 -7.12 9.30 -18.45
C THR A 214 -8.50 9.94 -18.39
N LEU A 215 -8.67 11.08 -19.06
CA LEU A 215 -9.99 11.72 -19.20
C LEU A 215 -11.04 10.82 -19.79
N VAL A 216 -10.71 10.23 -20.95
CA VAL A 216 -11.70 9.49 -21.69
C VAL A 216 -12.09 8.17 -21.04
N ALA A 217 -11.13 7.38 -20.59
CA ALA A 217 -11.43 6.13 -19.90
C ALA A 217 -12.26 6.36 -18.63
N SER A 218 -11.92 7.42 -17.89
CA SER A 218 -12.65 7.68 -16.65
C SER A 218 -14.03 8.20 -16.95
N LEU A 219 -14.17 8.94 -18.05
CA LEU A 219 -15.49 9.41 -18.42
C LEU A 219 -16.37 8.26 -18.90
N TYR A 220 -15.78 7.22 -19.53
CA TYR A 220 -16.56 6.04 -19.99
C TYR A 220 -17.17 5.26 -18.81
N THR A 221 -16.37 5.10 -17.76
CA THR A 221 -16.86 4.37 -16.56
C THR A 221 -17.58 5.32 -15.57
N ASP A 222 -17.21 6.60 -15.55
CA ASP A 222 -17.75 7.55 -14.58
C ASP A 222 -18.26 8.81 -15.30
N PRO A 223 -19.57 8.87 -15.58
CA PRO A 223 -20.15 9.97 -16.37
C PRO A 223 -20.01 11.36 -15.75
N GLN A 224 -19.65 11.47 -14.47
CA GLN A 224 -19.33 12.78 -13.81
C GLN A 224 -17.91 13.30 -14.00
N THR A 225 -17.10 12.57 -14.74
CA THR A 225 -15.72 12.98 -14.99
C THR A 225 -15.72 14.17 -15.89
N LYS A 226 -15.06 15.26 -15.44
CA LYS A 226 -14.98 16.47 -16.26
C LYS A 226 -13.49 16.79 -16.55
N MET A 227 -12.60 16.02 -15.97
CA MET A 227 -11.12 16.25 -16.15
C MET A 227 -10.32 15.05 -15.81
N GLY A 228 -9.21 14.83 -16.54
CA GLY A 228 -8.27 13.82 -16.22
C GLY A 228 -7.02 14.56 -15.76
N ILE A 229 -6.43 14.12 -14.65
CA ILE A 229 -5.21 14.77 -14.13
C ILE A 229 -4.17 13.78 -13.73
N ILE A 230 -2.91 14.15 -13.98
CA ILE A 230 -1.76 13.40 -13.57
C ILE A 230 -0.95 14.24 -12.62
N ILE A 231 -0.71 13.69 -11.42
CA ILE A 231 0.07 14.39 -10.43
C ILE A 231 1.11 13.38 -10.03
N GLY A 232 2.28 13.48 -10.64
CA GLY A 232 3.35 12.57 -10.32
C GLY A 232 4.69 13.19 -10.60
N THR A 233 5.53 12.48 -11.34
CA THR A 233 6.86 12.99 -11.67
C THR A 233 6.77 14.20 -12.58
N GLY A 234 5.84 14.15 -13.52
CA GLY A 234 5.40 15.34 -14.26
C GLY A 234 3.91 15.57 -13.97
N VAL A 235 3.33 16.62 -14.52
CA VAL A 235 1.95 16.97 -14.20
C VAL A 235 1.19 17.32 -15.52
N ASN A 236 -0.09 17.05 -15.61
CA ASN A 236 -0.80 17.37 -16.83
C ASN A 236 -2.26 17.22 -16.51
N GLY A 237 -3.09 17.86 -17.32
CA GLY A 237 -4.51 17.77 -17.22
C GLY A 237 -5.10 17.77 -18.62
N ALA A 238 -6.30 17.21 -18.72
CA ALA A 238 -7.01 17.14 -19.97
C ALA A 238 -8.49 17.25 -19.66
N TYR A 239 -9.22 17.94 -20.52
CA TYR A 239 -10.62 18.16 -20.26
C TYR A 239 -11.27 18.35 -21.64
N TYR A 240 -12.62 18.35 -21.73
CA TYR A 240 -13.23 18.67 -23.00
C TYR A 240 -13.56 20.18 -23.10
N ASP A 241 -13.10 20.80 -24.16
CA ASP A 241 -13.55 22.15 -24.46
C ASP A 241 -14.54 22.00 -25.63
N VAL A 242 -14.83 23.10 -26.31
CA VAL A 242 -15.88 23.11 -27.36
C VAL A 242 -15.22 23.79 -28.57
N VAL A 243 -15.46 23.28 -29.78
CA VAL A 243 -14.69 23.78 -30.93
C VAL A 243 -14.76 25.32 -31.09
N SER A 244 -15.95 25.89 -30.93
CA SER A 244 -16.13 27.35 -30.96
C SER A 244 -15.23 28.12 -30.02
N GLY A 245 -14.66 27.44 -29.04
CA GLY A 245 -13.79 28.10 -28.11
C GLY A 245 -12.31 27.93 -28.42
N ILE A 246 -11.99 27.39 -29.61
CA ILE A 246 -10.59 27.11 -29.99
C ILE A 246 -10.26 27.89 -31.27
N GLU A 247 -9.98 29.17 -31.06
CA GLU A 247 -9.86 30.13 -32.17
C GLU A 247 -8.69 29.67 -33.09
N LYS A 248 -7.70 28.95 -32.53
CA LYS A 248 -6.58 28.53 -33.38
C LYS A 248 -6.93 27.44 -34.39
N LEU A 249 -8.09 26.81 -34.25
CA LEU A 249 -8.62 25.89 -35.26
C LEU A 249 -9.53 26.55 -36.31
N GLU A 250 -9.85 27.84 -36.14
CA GLU A 250 -10.77 28.53 -37.05
C GLU A 250 -10.21 28.55 -38.45
N GLY A 251 -11.03 28.19 -39.43
CA GLY A 251 -10.57 28.12 -40.80
C GLY A 251 -9.95 26.77 -41.12
N LEU A 252 -9.68 25.91 -40.12
CA LEU A 252 -8.95 24.67 -40.40
C LEU A 252 -9.86 23.47 -40.37
N LEU A 253 -11.06 23.67 -39.83
CA LEU A 253 -11.93 22.52 -39.56
C LEU A 253 -12.87 22.18 -40.71
N PRO A 254 -13.06 20.86 -40.99
CA PRO A 254 -14.08 20.46 -41.95
C PRO A 254 -15.46 20.71 -41.31
N GLU A 255 -16.47 20.75 -42.15
CA GLU A 255 -17.85 21.09 -41.77
C GLU A 255 -18.45 20.15 -40.73
N ASP A 256 -18.04 18.87 -40.75
CA ASP A 256 -18.55 17.90 -39.82
C ASP A 256 -17.84 17.89 -38.48
N ILE A 257 -16.94 18.85 -38.26
CA ILE A 257 -16.49 19.16 -36.91
C ILE A 257 -16.96 20.59 -36.65
N GLY A 258 -18.18 20.74 -36.17
CA GLY A 258 -18.83 22.03 -36.08
C GLY A 258 -18.52 22.80 -34.80
N PRO A 259 -18.93 24.08 -34.75
CA PRO A 259 -18.66 24.98 -33.61
C PRO A 259 -19.05 24.39 -32.24
N ASP A 260 -20.10 23.59 -32.18
CA ASP A 260 -20.47 23.03 -30.87
C ASP A 260 -19.89 21.64 -30.59
N SER A 261 -19.06 21.12 -31.48
CA SER A 261 -18.35 19.87 -31.20
C SER A 261 -17.47 19.98 -29.95
N PRO A 262 -17.54 18.95 -29.09
CA PRO A 262 -16.62 18.75 -28.01
C PRO A 262 -15.22 18.56 -28.63
N MET A 263 -14.21 18.86 -27.86
CA MET A 263 -12.85 18.61 -28.29
C MET A 263 -12.03 18.42 -27.05
N ALA A 264 -11.41 17.24 -26.91
CA ALA A 264 -10.57 16.94 -25.80
C ALA A 264 -9.29 17.75 -26.00
N ILE A 265 -8.86 18.43 -24.93
CA ILE A 265 -7.60 19.22 -24.94
C ILE A 265 -6.67 18.56 -24.00
N ASN A 266 -5.44 18.34 -24.47
CA ASN A 266 -4.31 18.00 -23.65
C ASN A 266 -3.56 19.32 -23.31
N CYS A 267 -3.67 19.80 -22.07
CA CYS A 267 -3.26 21.17 -21.72
C CYS A 267 -1.75 21.31 -21.79
N GLU A 268 -1.06 20.26 -21.35
CA GLU A 268 0.37 20.31 -21.07
C GLU A 268 0.66 21.57 -20.22
N TYR A 269 -0.10 21.74 -19.15
CA TYR A 269 -0.02 22.94 -18.38
C TYR A 269 1.19 23.05 -17.42
N GLY A 270 2.07 22.06 -17.44
CA GLY A 270 3.30 22.17 -16.70
C GLY A 270 4.06 23.46 -16.95
N SER A 271 3.86 24.06 -18.12
CA SER A 271 4.48 25.33 -18.48
C SER A 271 3.72 26.61 -18.00
N PHE A 272 2.57 26.46 -17.33
CA PHE A 272 1.83 27.63 -16.79
C PHE A 272 2.74 28.52 -15.91
N ASP A 273 2.74 29.83 -16.20
CA ASP A 273 3.44 30.89 -15.43
C ASP A 273 4.95 30.81 -15.44
N ASN A 274 5.53 30.46 -16.59
CA ASN A 274 7.00 30.50 -16.66
C ASN A 274 7.52 31.90 -16.29
N GLU A 275 6.68 32.93 -16.45
CA GLU A 275 7.07 34.34 -16.10
C GLU A 275 7.01 34.60 -14.57
N HIS A 276 6.43 33.64 -13.85
CA HIS A 276 6.24 33.69 -12.39
C HIS A 276 5.50 34.97 -11.88
N LEU A 277 4.37 35.24 -12.52
CA LEU A 277 3.62 36.44 -12.24
C LEU A 277 2.80 36.15 -11.00
N VAL A 278 2.32 34.91 -10.92
CA VAL A 278 1.40 34.54 -9.85
C VAL A 278 1.90 33.41 -8.96
N LEU A 279 2.78 32.55 -9.49
CA LEU A 279 3.19 31.33 -8.74
C LEU A 279 4.03 31.75 -7.56
N PRO A 280 3.79 31.17 -6.36
CA PRO A 280 4.57 31.76 -5.22
C PRO A 280 6.04 31.28 -5.05
N ARG A 281 6.90 31.62 -6.01
CA ARG A 281 8.31 31.22 -5.93
C ARG A 281 9.12 31.75 -4.72
N THR A 282 9.68 30.84 -3.93
CA THR A 282 10.58 31.28 -2.85
C THR A 282 11.97 31.21 -3.43
N LYS A 283 12.96 31.71 -2.67
CA LYS A 283 14.34 31.55 -3.09
C LYS A 283 14.75 30.09 -3.31
N TYR A 284 14.11 29.17 -2.61
CA TYR A 284 14.37 27.74 -2.85
C TYR A 284 13.87 27.31 -4.25
N ASP A 285 12.69 27.78 -4.66
CA ASP A 285 12.22 27.46 -6.03
C ASP A 285 13.12 28.14 -7.06
N VAL A 286 13.63 29.31 -6.69
CA VAL A 286 14.54 30.04 -7.57
C VAL A 286 15.75 29.11 -7.81
N ILE A 287 16.43 28.72 -6.76
CA ILE A 287 17.62 27.84 -6.91
C ILE A 287 17.27 26.55 -7.74
N ILE A 288 16.19 25.88 -7.39
CA ILE A 288 15.79 24.67 -8.13
C ILE A 288 15.60 24.94 -9.63
N ASP A 289 15.11 26.14 -9.95
CA ASP A 289 14.93 26.54 -11.32
C ASP A 289 16.25 26.82 -12.03
N GLU A 290 17.15 27.56 -11.40
CA GLU A 290 18.39 27.97 -12.06
C GLU A 290 19.35 26.77 -12.24
N GLU A 291 19.15 25.73 -11.45
CA GLU A 291 20.05 24.55 -11.41
C GLU A 291 19.50 23.40 -12.27
N SER A 292 18.26 23.54 -12.74
CA SER A 292 17.60 22.53 -13.56
C SER A 292 18.10 22.46 -15.00
N PRO A 293 17.90 21.32 -15.68
CA PRO A 293 18.28 21.25 -17.11
C PRO A 293 17.77 22.46 -17.93
N ARG A 294 16.51 22.85 -17.70
CA ARG A 294 15.85 23.94 -18.44
C ARG A 294 15.44 25.17 -17.60
N PRO A 295 16.39 26.07 -17.24
CA PRO A 295 15.91 27.23 -16.46
C PRO A 295 14.75 28.03 -17.11
N GLY A 296 13.83 28.56 -16.27
CA GLY A 296 12.73 29.41 -16.73
C GLY A 296 11.57 28.65 -17.40
N GLN A 297 11.67 27.33 -17.48
CA GLN A 297 10.63 26.49 -18.13
C GLN A 297 9.97 25.61 -17.11
N GLN A 298 8.77 25.08 -17.42
CA GLN A 298 8.10 24.07 -16.61
C GLN A 298 7.82 24.59 -15.19
N ALA A 299 7.58 25.89 -15.06
CA ALA A 299 7.38 26.49 -13.74
C ALA A 299 6.24 25.86 -12.91
N PHE A 300 5.09 25.60 -13.53
CA PHE A 300 4.02 25.01 -12.77
C PHE A 300 4.33 23.56 -12.40
N GLU A 301 5.03 22.86 -13.30
CA GLU A 301 5.56 21.51 -13.00
C GLU A 301 6.46 21.54 -11.81
N LYS A 302 7.42 22.47 -11.81
CA LYS A 302 8.35 22.61 -10.71
C LYS A 302 7.70 22.96 -9.36
N MET A 303 6.50 23.56 -9.36
CA MET A 303 5.78 23.86 -8.09
C MET A 303 4.81 22.79 -7.64
N THR A 304 4.51 21.84 -8.51
CA THR A 304 3.50 20.84 -8.16
C THR A 304 3.90 19.35 -8.24
N SER A 305 4.93 19.06 -9.01
CA SER A 305 5.40 17.72 -9.22
C SER A 305 6.00 17.09 -7.93
N GLY A 306 5.87 15.77 -7.80
CA GLY A 306 6.37 15.06 -6.60
C GLY A 306 7.90 15.11 -6.56
N TYR A 307 8.49 15.29 -7.74
CA TYR A 307 9.91 15.13 -7.92
C TYR A 307 10.75 16.17 -7.22
N TYR A 308 10.19 17.35 -6.96
CA TYR A 308 10.96 18.47 -6.35
C TYR A 308 10.77 18.62 -4.85
N LEU A 309 9.83 17.86 -4.28
CA LEU A 309 9.42 18.09 -2.88
C LEU A 309 10.50 17.79 -1.88
N GLY A 310 11.30 16.76 -2.09
CA GLY A 310 12.42 16.48 -1.20
C GLY A 310 13.57 17.45 -1.43
N GLU A 311 13.73 17.88 -2.68
CA GLU A 311 14.77 18.86 -3.05
C GLU A 311 14.49 20.23 -2.39
N ILE A 312 13.23 20.66 -2.39
CA ILE A 312 12.84 21.85 -1.68
C ILE A 312 13.29 21.72 -0.21
N MET A 313 12.91 20.61 0.45
CA MET A 313 13.33 20.39 1.86
C MET A 313 14.81 20.46 2.06
N ARG A 314 15.54 19.82 1.14
CA ARG A 314 16.98 19.80 1.19
C ARG A 314 17.55 21.20 1.26
N LEU A 315 17.05 22.09 0.40
CA LEU A 315 17.65 23.41 0.23
C LEU A 315 17.29 24.21 1.45
N VAL A 316 16.08 24.01 1.96
CA VAL A 316 15.67 24.64 3.21
C VAL A 316 16.55 24.23 4.38
N LEU A 317 16.78 22.92 4.52
CA LEU A 317 17.57 22.37 5.63
C LEU A 317 18.99 22.90 5.57
N LEU A 318 19.55 22.96 4.35
CA LEU A 318 20.93 23.45 4.12
C LEU A 318 21.03 24.93 4.49
N ASP A 319 19.99 25.67 4.17
CA ASP A 319 19.90 27.10 4.50
C ASP A 319 19.94 27.33 6.02
N LEU A 320 19.15 26.55 6.74
CA LEU A 320 19.15 26.49 8.23
C LEU A 320 20.42 25.98 8.82
N TYR A 321 21.08 25.03 8.15
CA TYR A 321 22.40 24.64 8.63
C TYR A 321 23.42 25.82 8.54
N ASP A 322 23.47 26.44 7.36
CA ASP A 322 24.44 27.52 7.05
C ASP A 322 24.25 28.77 7.88
N SER A 323 23.00 29.09 8.20
CA SER A 323 22.67 30.18 9.12
C SER A 323 22.78 29.76 10.59
N GLY A 324 23.37 28.59 10.84
CA GLY A 324 23.65 28.10 12.20
C GLY A 324 22.48 27.65 13.04
N PHE A 325 21.37 27.25 12.42
CA PHE A 325 20.17 26.94 13.19
C PHE A 325 20.03 25.47 13.63
N ILE A 326 20.42 24.55 12.76
CA ILE A 326 20.22 23.11 12.96
C ILE A 326 21.46 22.32 12.59
N PHE A 327 21.43 21.06 13.01
CA PHE A 327 22.45 20.05 12.69
C PHE A 327 23.84 20.52 13.11
N LYS A 328 23.90 21.40 14.10
CA LYS A 328 25.15 22.00 14.56
C LYS A 328 26.09 20.87 14.96
N ASP A 329 27.30 20.87 14.40
CA ASP A 329 28.30 19.81 14.69
C ASP A 329 27.92 18.42 14.14
N GLN A 330 27.00 18.41 13.17
CA GLN A 330 26.73 17.21 12.35
C GLN A 330 27.54 17.26 11.05
N ASP A 331 27.81 16.07 10.50
CA ASP A 331 28.42 15.98 9.17
C ASP A 331 27.32 15.89 8.12
N ILE A 332 27.05 17.04 7.50
CA ILE A 332 25.93 17.20 6.61
C ILE A 332 26.42 17.19 5.17
N SER A 333 27.59 16.60 4.89
CA SER A 333 28.07 16.60 3.49
C SER A 333 27.23 15.82 2.45
N LYS A 334 26.26 15.04 2.94
CA LYS A 334 25.32 14.32 2.08
C LYS A 334 24.13 15.20 1.68
N LEU A 335 23.76 16.12 2.56
CA LEU A 335 22.73 17.14 2.30
C LEU A 335 23.13 18.07 1.13
N LYS A 336 24.41 18.08 0.77
CA LYS A 336 24.91 18.93 -0.32
C LYS A 336 24.68 18.36 -1.75
N GLU A 337 24.32 17.08 -1.85
CA GLU A 337 24.07 16.46 -3.16
C GLU A 337 22.67 16.75 -3.68
N ALA A 338 22.57 17.38 -4.85
CA ALA A 338 21.31 17.63 -5.53
C ALA A 338 20.54 16.32 -5.78
N TYR A 339 19.25 16.35 -5.46
CA TYR A 339 18.29 15.22 -5.59
C TYR A 339 18.60 13.95 -4.80
N VAL A 340 19.30 14.13 -3.69
CA VAL A 340 19.61 13.01 -2.79
C VAL A 340 18.38 12.67 -1.95
N MET A 341 17.51 13.66 -1.77
CA MET A 341 16.22 13.47 -1.10
C MET A 341 15.12 13.45 -2.13
N ASP A 342 14.62 12.27 -2.47
CA ASP A 342 13.54 12.18 -3.43
C ASP A 342 12.18 12.32 -2.71
N THR A 343 11.07 12.00 -3.39
CA THR A 343 9.72 12.17 -2.80
C THR A 343 9.47 11.28 -1.57
N SER A 344 10.18 10.15 -1.45
CA SER A 344 9.97 9.28 -0.29
C SER A 344 10.38 9.97 1.04
N TYR A 345 11.14 11.05 0.97
CA TYR A 345 11.56 11.76 2.20
C TYR A 345 10.40 12.53 2.84
N PRO A 346 9.77 13.48 2.12
CA PRO A 346 8.64 14.09 2.78
C PRO A 346 7.47 13.11 3.00
N SER A 347 7.35 12.08 2.15
CA SER A 347 6.35 11.03 2.36
C SER A 347 6.58 10.29 3.67
N LYS A 348 7.79 9.78 3.86
CA LYS A 348 8.12 9.08 5.09
C LYS A 348 8.01 9.97 6.33
N ILE A 349 8.44 11.22 6.20
CA ILE A 349 8.33 12.19 7.29
C ILE A 349 6.85 12.45 7.68
N GLU A 350 6.00 12.67 6.68
CA GLU A 350 4.57 12.91 6.94
C GLU A 350 3.83 11.70 7.48
N ASP A 351 4.30 10.51 7.11
CA ASP A 351 3.69 9.26 7.60
C ASP A 351 4.06 8.95 9.04
N ASP A 352 5.10 9.60 9.57
CA ASP A 352 5.62 9.28 10.92
C ASP A 352 4.54 9.48 11.97
N PRO A 353 4.12 8.38 12.68
CA PRO A 353 3.02 8.48 13.62
C PRO A 353 3.46 8.81 15.05
N PHE A 354 4.76 9.00 15.28
CA PHE A 354 5.32 9.11 16.63
C PHE A 354 5.53 10.55 16.99
N GLU A 355 5.33 10.85 18.28
CA GLU A 355 5.46 12.21 18.74
C GLU A 355 6.92 12.56 18.70
N ASN A 356 7.77 11.59 19.01
CA ASN A 356 9.22 11.77 18.98
C ASN A 356 9.79 11.58 17.57
N LEU A 357 8.90 11.35 16.61
CA LEU A 357 9.24 11.24 15.17
C LEU A 357 10.42 10.29 14.92
N GLU A 358 10.28 9.07 15.42
CA GLU A 358 11.33 8.06 15.31
C GLU A 358 11.52 7.56 13.86
N ASP A 359 10.48 7.61 13.04
CA ASP A 359 10.63 7.23 11.63
C ASP A 359 11.63 8.19 10.93
N THR A 360 11.46 9.48 11.23
CA THR A 360 12.26 10.56 10.69
C THR A 360 13.70 10.48 11.19
N ASP A 361 13.84 10.14 12.48
CA ASP A 361 15.13 9.93 13.13
C ASP A 361 15.93 8.88 12.37
N ASP A 362 15.36 7.69 12.24
CA ASP A 362 15.93 6.61 11.44
C ASP A 362 16.31 7.02 10.01
N LEU A 363 15.36 7.63 9.30
CA LEU A 363 15.56 8.09 7.93
C LEU A 363 16.80 8.99 7.78
N PHE A 364 16.92 9.96 8.66
CA PHE A 364 18.00 10.94 8.59
C PHE A 364 19.33 10.38 9.05
N LYS A 365 19.30 9.52 10.08
CA LYS A 365 20.47 8.77 10.48
C LYS A 365 20.94 7.77 9.43
N THR A 366 20.04 6.94 8.92
CA THR A 366 20.47 5.82 8.09
C THR A 366 20.78 6.23 6.64
N ASN A 367 19.92 7.03 6.02
CA ASN A 367 20.16 7.46 4.64
C ASN A 367 21.14 8.63 4.48
N LEU A 368 21.23 9.50 5.48
CA LEU A 368 21.93 10.78 5.34
C LEU A 368 22.98 11.06 6.41
N ASN A 369 23.18 10.08 7.30
CA ASN A 369 24.08 10.16 8.45
C ASN A 369 24.05 11.47 9.22
N ILE A 370 22.85 11.87 9.62
CA ILE A 370 22.65 13.09 10.42
C ILE A 370 21.88 12.70 11.68
N GLU A 371 22.49 12.87 12.85
CA GLU A 371 21.77 12.67 14.10
C GLU A 371 21.00 13.94 14.38
N THR A 372 19.69 13.79 14.54
CA THR A 372 18.83 14.91 14.82
C THR A 372 18.42 14.91 16.28
N THR A 373 18.18 16.09 16.84
CA THR A 373 17.47 16.19 18.11
C THR A 373 15.97 16.07 17.79
N VAL A 374 15.15 15.83 18.81
CA VAL A 374 13.68 15.76 18.64
C VAL A 374 13.14 17.09 18.12
N VAL A 375 13.64 18.21 18.65
CA VAL A 375 13.13 19.53 18.21
C VAL A 375 13.45 19.81 16.71
N GLU A 376 14.59 19.32 16.22
CA GLU A 376 14.95 19.44 14.80
C GLU A 376 14.03 18.59 13.90
N ARG A 377 13.63 17.45 14.42
CA ARG A 377 12.66 16.59 13.76
C ARG A 377 11.28 17.26 13.66
N LYS A 378 10.89 17.98 14.71
CA LYS A 378 9.59 18.62 14.68
C LYS A 378 9.54 19.69 13.57
N LEU A 379 10.69 20.33 13.31
CA LEU A 379 10.87 21.31 12.26
C LEU A 379 10.83 20.63 10.89
N ILE A 380 11.60 19.54 10.76
CA ILE A 380 11.64 18.78 9.54
C ILE A 380 10.21 18.34 9.14
N ARG A 381 9.43 17.92 10.14
CA ARG A 381 8.07 17.42 9.88
C ARG A 381 7.11 18.53 9.52
N LYS A 382 7.27 19.67 10.20
CA LYS A 382 6.49 20.87 9.90
C LYS A 382 6.75 21.30 8.47
N LEU A 383 8.03 21.26 8.09
CA LEU A 383 8.48 21.60 6.74
C LEU A 383 7.87 20.66 5.67
N ALA A 384 7.94 19.34 5.96
CA ALA A 384 7.39 18.32 5.05
C ALA A 384 5.95 18.61 4.78
N GLU A 385 5.18 18.79 5.85
CA GLU A 385 3.77 19.19 5.73
C GLU A 385 3.54 20.46 4.89
N LEU A 386 4.33 21.51 5.09
CA LEU A 386 4.13 22.77 4.39
C LEU A 386 4.39 22.56 2.91
N VAL A 387 5.38 21.76 2.58
CA VAL A 387 5.76 21.62 1.17
C VAL A 387 4.79 20.65 0.48
N GLY A 388 4.40 19.56 1.17
CA GLY A 388 3.32 18.68 0.61
C GLY A 388 2.05 19.48 0.35
N THR A 389 1.68 20.30 1.34
CA THR A 389 0.44 21.04 1.35
C THR A 389 0.39 22.14 0.26
N ARG A 390 1.51 22.80 0.03
CA ARG A 390 1.52 23.90 -0.95
C ARG A 390 1.43 23.30 -2.34
N ALA A 391 2.09 22.16 -2.54
CA ALA A 391 2.08 21.49 -3.82
C ALA A 391 0.63 21.11 -4.15
N ALA A 392 -0.10 20.56 -3.19
CA ALA A 392 -1.51 20.15 -3.45
C ALA A 392 -2.34 21.38 -3.73
N ARG A 393 -2.06 22.46 -2.99
CA ARG A 393 -2.87 23.66 -3.13
C ARG A 393 -2.67 24.27 -4.53
N LEU A 394 -1.41 24.26 -5.02
CA LEU A 394 -1.16 24.79 -6.37
C LEU A 394 -1.73 23.91 -7.47
N THR A 395 -1.79 22.62 -7.23
CA THR A 395 -2.29 21.68 -8.22
C THR A 395 -3.77 21.89 -8.43
N VAL A 396 -4.51 22.07 -7.35
CA VAL A 396 -5.93 22.29 -7.51
C VAL A 396 -6.24 23.66 -8.08
N CYS A 397 -5.27 24.58 -8.13
CA CYS A 397 -5.52 25.77 -8.92
C CYS A 397 -5.75 25.44 -10.38
N GLY A 398 -5.12 24.40 -10.87
CA GLY A 398 -5.36 23.95 -12.23
C GLY A 398 -6.74 23.34 -12.46
N VAL A 399 -7.19 22.55 -11.50
CA VAL A 399 -8.50 21.93 -11.49
C VAL A 399 -9.55 23.02 -11.47
N SER A 400 -9.40 23.94 -10.52
CA SER A 400 -10.32 25.01 -10.37
C SER A 400 -10.38 25.93 -11.60
N ALA A 401 -9.25 26.18 -12.26
CA ALA A 401 -9.24 27.04 -13.47
C ALA A 401 -10.07 26.35 -14.59
N ILE A 402 -9.85 25.05 -14.76
CA ILE A 402 -10.52 24.32 -15.83
C ILE A 402 -12.03 24.24 -15.53
N CYS A 403 -12.38 23.95 -14.27
CA CYS A 403 -13.84 23.95 -13.85
C CYS A 403 -14.52 25.30 -14.03
N ASP A 404 -13.81 26.35 -13.61
CA ASP A 404 -14.37 27.69 -13.75
C ASP A 404 -14.48 28.14 -15.22
N LYS A 405 -13.46 27.84 -16.03
CA LYS A 405 -13.45 28.24 -17.43
C LYS A 405 -14.68 27.61 -18.11
N ARG A 406 -14.93 26.33 -17.80
CA ARG A 406 -15.98 25.59 -18.46
C ARG A 406 -17.29 25.71 -17.76
N GLY A 407 -17.29 26.37 -16.60
CA GLY A 407 -18.50 26.46 -15.77
C GLY A 407 -19.04 25.18 -15.16
N TYR A 408 -18.14 24.31 -14.69
CA TYR A 408 -18.55 23.05 -14.00
C TYR A 408 -18.67 23.38 -12.55
N LYS A 409 -19.90 23.34 -12.04
CA LYS A 409 -20.11 23.61 -10.65
C LYS A 409 -19.87 22.35 -9.82
N THR A 410 -20.06 21.18 -10.43
CA THR A 410 -19.70 19.89 -9.85
C THR A 410 -18.84 19.14 -10.82
N ALA A 411 -18.04 18.20 -10.34
CA ALA A 411 -17.16 17.50 -11.23
C ALA A 411 -16.48 16.40 -10.49
N HIS A 412 -16.23 15.30 -11.18
CA HIS A 412 -15.24 14.35 -10.74
C HIS A 412 -13.99 14.63 -11.52
N ILE A 413 -12.90 14.75 -10.79
CA ILE A 413 -11.62 15.01 -11.42
C ILE A 413 -10.88 13.67 -11.32
N ALA A 414 -10.75 12.95 -12.44
CA ALA A 414 -10.16 11.61 -12.41
C ALA A 414 -8.60 11.74 -12.35
N ALA A 415 -8.00 11.29 -11.23
CA ALA A 415 -6.60 11.57 -10.97
C ALA A 415 -5.78 10.32 -10.95
N ASP A 416 -4.51 10.47 -11.34
CA ASP A 416 -3.57 9.38 -11.31
C ASP A 416 -2.18 9.97 -11.07
N GLY A 417 -1.17 9.12 -10.96
CA GLY A 417 0.23 9.53 -10.82
C GLY A 417 0.71 9.28 -9.37
N SER A 418 2.02 9.13 -9.18
CA SER A 418 2.66 8.78 -7.88
C SER A 418 2.30 9.70 -6.69
N VAL A 419 2.04 10.97 -6.95
CA VAL A 419 1.70 11.91 -5.87
C VAL A 419 0.26 11.69 -5.41
N PHE A 420 -0.72 11.77 -6.32
CA PHE A 420 -2.08 11.48 -5.94
C PHE A 420 -2.19 10.10 -5.28
N ASN A 421 -1.56 9.08 -5.86
CA ASN A 421 -1.76 7.72 -5.39
C ASN A 421 -1.06 7.40 -4.08
N ARG A 422 0.08 8.02 -3.82
CA ARG A 422 0.96 7.53 -2.76
C ARG A 422 1.43 8.62 -1.78
N TYR A 423 1.33 9.90 -2.15
CA TYR A 423 1.80 10.97 -1.25
C TYR A 423 0.87 11.07 -0.03
N PRO A 424 1.41 11.04 1.20
CA PRO A 424 0.61 10.87 2.44
C PRO A 424 -0.40 11.98 2.64
N GLY A 425 -1.66 11.63 2.83
CA GLY A 425 -2.64 12.68 3.02
C GLY A 425 -2.85 13.57 1.78
N TYR A 426 -2.44 13.13 0.60
CA TYR A 426 -2.54 14.05 -0.53
C TYR A 426 -3.98 14.39 -0.85
N LYS A 427 -4.88 13.41 -0.79
CA LYS A 427 -6.28 13.59 -1.09
C LYS A 427 -6.96 14.56 -0.13
N GLU A 428 -6.64 14.44 1.17
CA GLU A 428 -7.13 15.33 2.20
C GLU A 428 -6.68 16.74 1.91
N LYS A 429 -5.40 16.91 1.56
CA LYS A 429 -4.86 18.23 1.22
C LYS A 429 -5.52 18.86 0.03
N ALA A 430 -5.68 18.09 -1.04
CA ALA A 430 -6.32 18.62 -2.26
C ALA A 430 -7.75 19.02 -2.00
N ALA A 431 -8.48 18.18 -1.28
CA ALA A 431 -9.89 18.43 -1.02
C ALA A 431 -10.02 19.67 -0.13
N GLN A 432 -9.13 19.82 0.84
CA GLN A 432 -9.18 21.01 1.68
C GLN A 432 -8.87 22.26 0.84
N ALA A 433 -7.91 22.14 -0.07
CA ALA A 433 -7.58 23.28 -0.98
C ALA A 433 -8.78 23.73 -1.85
N LEU A 434 -9.45 22.79 -2.49
CA LEU A 434 -10.71 23.09 -3.21
C LEU A 434 -11.79 23.71 -2.31
N LYS A 435 -11.96 23.19 -1.11
CA LYS A 435 -12.95 23.73 -0.17
C LYS A 435 -12.58 25.18 0.20
N ASP A 436 -11.29 25.46 0.38
CA ASP A 436 -10.83 26.81 0.64
C ASP A 436 -11.07 27.76 -0.54
N ILE A 437 -10.90 27.27 -1.77
CA ILE A 437 -11.07 28.13 -2.94
C ILE A 437 -12.53 28.52 -3.08
N TYR A 438 -13.42 27.54 -2.91
CA TYR A 438 -14.83 27.71 -3.22
C TYR A 438 -15.66 28.13 -2.03
N ASN A 439 -15.09 27.96 -0.84
CA ASN A 439 -15.79 28.24 0.44
CA ASN A 439 -15.78 28.21 0.44
C ASN A 439 -17.06 27.40 0.54
N TRP A 440 -16.98 26.13 0.18
CA TRP A 440 -18.16 25.31 0.34
C TRP A 440 -18.53 25.13 1.80
N ASP A 441 -19.84 25.22 2.07
CA ASP A 441 -20.41 24.83 3.34
C ASP A 441 -20.81 23.36 3.30
N VAL A 442 -19.78 22.52 3.41
CA VAL A 442 -19.84 21.06 3.30
C VAL A 442 -18.94 20.56 4.44
N GLU A 443 -19.32 19.47 5.08
CA GLU A 443 -18.61 18.97 6.26
C GLU A 443 -17.62 17.85 5.93
N LYS A 444 -17.89 17.07 4.89
CA LYS A 444 -17.06 15.91 4.60
C LYS A 444 -16.54 15.92 3.17
N MET A 445 -15.33 15.43 2.95
CA MET A 445 -14.78 15.48 1.62
C MET A 445 -15.53 14.65 0.59
N GLU A 446 -16.13 13.55 1.01
CA GLU A 446 -16.91 12.72 0.08
C GLU A 446 -18.07 13.52 -0.57
N ASP A 447 -18.44 14.65 0.04
CA ASP A 447 -19.57 15.48 -0.43
C ASP A 447 -19.19 16.78 -1.14
N HIS A 448 -17.91 16.94 -1.47
CA HIS A 448 -17.45 18.16 -2.16
C HIS A 448 -18.03 18.20 -3.57
N PRO A 449 -18.66 19.32 -3.97
CA PRO A 449 -19.12 19.43 -5.35
C PRO A 449 -18.06 19.11 -6.37
N ILE A 450 -16.83 19.60 -6.19
CA ILE A 450 -15.73 19.21 -7.04
C ILE A 450 -14.74 18.35 -6.21
N GLN A 451 -14.43 17.16 -6.70
CA GLN A 451 -13.60 16.20 -5.98
C GLN A 451 -12.73 15.35 -6.88
N LEU A 452 -11.54 15.03 -6.39
CA LEU A 452 -10.60 14.20 -7.13
C LEU A 452 -10.98 12.76 -6.83
N VAL A 453 -10.99 11.91 -7.85
CA VAL A 453 -11.25 10.50 -7.64
C VAL A 453 -10.21 9.73 -8.40
N ALA A 454 -9.97 8.49 -7.99
CA ALA A 454 -9.01 7.62 -8.65
C ALA A 454 -9.42 7.42 -10.11
N ALA A 455 -8.48 7.65 -11.03
CA ALA A 455 -8.82 7.54 -12.49
C ALA A 455 -8.85 6.11 -13.00
N GLU A 456 -9.41 5.92 -14.17
CA GLU A 456 -9.18 4.68 -14.87
C GLU A 456 -7.78 4.75 -15.57
N ASP A 457 -7.36 3.62 -16.09
CA ASP A 457 -6.08 3.40 -16.75
C ASP A 457 -6.08 4.22 -18.05
N GLY A 458 -5.37 5.35 -18.06
CA GLY A 458 -5.49 6.22 -19.23
C GLY A 458 -4.76 5.69 -20.44
N SER A 459 -3.57 5.11 -20.25
CA SER A 459 -2.73 4.77 -21.39
C SER A 459 -3.04 3.42 -22.04
N GLY A 460 -3.75 2.58 -21.33
CA GLY A 460 -4.24 1.32 -21.90
C GLY A 460 -5.70 1.47 -22.21
N VAL A 461 -6.53 1.39 -21.17
CA VAL A 461 -7.98 1.43 -21.37
C VAL A 461 -8.43 2.71 -22.17
N GLY A 462 -7.92 3.88 -21.80
CA GLY A 462 -8.27 5.14 -22.44
C GLY A 462 -7.90 5.17 -23.91
N ALA A 463 -6.70 4.67 -24.25
CA ALA A 463 -6.29 4.59 -25.67
C ALA A 463 -7.18 3.65 -26.46
N ALA A 464 -7.63 2.57 -25.84
CA ALA A 464 -8.50 1.65 -26.55
C ALA A 464 -9.91 2.22 -26.72
N ILE A 465 -10.41 2.95 -25.74
CA ILE A 465 -11.72 3.62 -25.91
C ILE A 465 -11.60 4.74 -26.92
N ILE A 466 -10.48 5.47 -26.91
CA ILE A 466 -10.29 6.47 -27.96
C ILE A 466 -10.25 5.77 -29.34
N ALA A 467 -9.66 4.55 -29.41
CA ALA A 467 -9.54 3.84 -30.66
C ALA A 467 -10.97 3.48 -31.11
N CYS A 468 -11.79 3.07 -30.16
CA CYS A 468 -13.27 2.78 -30.43
C CYS A 468 -13.98 3.96 -31.05
N LEU A 469 -13.90 5.13 -30.35
CA LEU A 469 -14.51 6.41 -30.77
C LEU A 469 -14.04 6.81 -32.17
N THR A 470 -12.72 6.77 -32.37
CA THR A 470 -12.06 7.05 -33.66
C THR A 470 -12.48 6.12 -34.78
N GLN A 471 -12.43 4.83 -34.52
CA GLN A 471 -12.74 3.85 -35.56
C GLN A 471 -14.12 4.06 -36.09
N LYS A 472 -15.06 4.30 -35.19
CA LYS A 472 -16.47 4.58 -35.61
C LYS A 472 -16.54 5.78 -36.57
N ARG A 473 -15.77 6.84 -36.29
CA ARG A 473 -15.72 7.97 -37.23
C ARG A 473 -15.04 7.63 -38.59
N LEU A 474 -13.86 7.04 -38.54
CA LEU A 474 -13.14 6.58 -39.75
C LEU A 474 -14.02 5.67 -40.61
N ALA A 475 -14.71 4.74 -40.00
CA ALA A 475 -15.59 3.87 -40.76
C ALA A 475 -16.74 4.65 -41.41
N ALA A 476 -17.23 5.71 -40.76
CA ALA A 476 -18.31 6.51 -41.37
C ALA A 476 -17.81 7.59 -42.33
N GLY A 477 -16.51 7.83 -42.38
CA GLY A 477 -16.00 8.97 -43.13
C GLY A 477 -16.27 10.31 -42.43
N LYS A 478 -16.26 10.30 -41.10
CA LYS A 478 -16.32 11.55 -40.37
C LYS A 478 -14.88 11.96 -39.97
N SER A 479 -14.62 13.25 -40.01
CA SER A 479 -13.27 13.78 -39.78
C SER A 479 -12.81 13.60 -38.33
N VAL A 480 -11.51 13.51 -38.19
CA VAL A 480 -10.81 13.37 -36.93
C VAL A 480 -9.54 14.22 -37.01
N GLY A 481 -9.62 15.32 -37.77
CA GLY A 481 -8.47 16.17 -38.00
C GLY A 481 -8.86 17.34 -38.87
N ILE A 482 -7.89 18.17 -39.23
CA ILE A 482 -8.21 19.37 -39.98
C ILE A 482 -8.49 18.95 -41.45
N LYS A 483 -9.08 19.82 -42.23
CA LYS A 483 -9.40 19.55 -43.65
C LYS A 483 -8.19 19.10 -44.40
N GLY A 484 -8.35 18.09 -45.25
CA GLY A 484 -7.28 17.67 -46.11
C GLY A 484 -6.28 16.71 -45.49
N GLU A 485 -6.21 16.63 -44.16
CA GLU A 485 -5.20 15.71 -43.57
C GLU A 485 -5.71 14.26 -43.55
N LYS B 8 -6.69 -1.68 -8.35
CA LYS B 8 -5.83 -2.80 -8.86
C LYS B 8 -6.38 -3.26 -10.21
N PRO B 9 -5.50 -3.77 -11.10
CA PRO B 9 -6.07 -4.33 -12.34
C PRO B 9 -6.80 -5.65 -12.04
N PRO B 10 -7.65 -6.13 -12.97
CA PRO B 10 -8.37 -7.38 -12.67
C PRO B 10 -7.39 -8.57 -12.70
N ALA B 11 -7.85 -9.76 -12.30
CA ALA B 11 -6.98 -10.94 -12.33
C ALA B 11 -6.71 -11.28 -13.80
N ARG B 12 -5.49 -11.71 -14.11
CA ARG B 12 -5.16 -12.13 -15.47
C ARG B 12 -6.06 -13.33 -15.82
N LYS B 13 -6.29 -13.54 -17.11
CA LYS B 13 -7.13 -14.65 -17.61
C LYS B 13 -6.52 -16.02 -17.32
N GLY B 14 -5.21 -16.14 -17.50
CA GLY B 14 -4.48 -17.33 -17.12
C GLY B 14 -4.74 -18.57 -17.97
N SER B 15 -4.85 -18.41 -19.27
CA SER B 15 -5.00 -19.53 -20.20
C SER B 15 -3.81 -20.50 -20.06
N MET B 16 -4.13 -21.79 -20.08
CA MET B 16 -3.12 -22.85 -20.15
C MET B 16 -3.00 -23.47 -21.56
N ALA B 17 -3.73 -22.92 -22.54
CA ALA B 17 -3.82 -23.53 -23.87
C ALA B 17 -2.46 -23.81 -24.55
N ASP B 18 -1.46 -22.97 -24.31
CA ASP B 18 -0.14 -23.16 -24.93
C ASP B 18 0.88 -23.99 -24.12
N VAL B 19 0.51 -24.45 -22.93
CA VAL B 19 1.46 -25.20 -22.07
C VAL B 19 1.50 -26.65 -22.57
N PRO B 20 2.71 -27.17 -22.91
CA PRO B 20 2.82 -28.53 -23.43
C PRO B 20 2.30 -29.58 -22.47
N ALA B 21 1.87 -30.73 -23.01
CA ALA B 21 1.29 -31.82 -22.22
C ALA B 21 2.18 -32.25 -21.05
N ASN B 22 3.49 -32.34 -21.28
CA ASN B 22 4.42 -32.81 -20.25
C ASN B 22 4.42 -31.87 -19.04
N LEU B 23 4.37 -30.57 -19.30
CA LEU B 23 4.25 -29.56 -18.21
C LEU B 23 2.89 -29.50 -17.55
N MET B 24 1.82 -29.57 -18.35
CA MET B 24 0.45 -29.60 -17.83
C MET B 24 0.30 -30.72 -16.82
N GLU B 25 0.73 -31.93 -17.21
CA GLU B 25 0.73 -33.09 -16.32
C GLU B 25 1.38 -32.79 -14.95
N GLN B 26 2.52 -32.10 -14.97
CA GLN B 26 3.19 -31.69 -13.72
C GLN B 26 2.39 -30.63 -12.95
N ILE B 27 1.83 -29.66 -13.68
CA ILE B 27 0.94 -28.68 -13.04
C ILE B 27 -0.20 -29.43 -12.33
N HIS B 28 -0.88 -30.33 -13.05
CA HIS B 28 -1.96 -31.08 -12.44
C HIS B 28 -1.46 -31.89 -11.24
N GLY B 29 -0.20 -32.34 -11.32
CA GLY B 29 0.47 -33.05 -10.22
C GLY B 29 0.65 -32.16 -9.02
N LEU B 30 1.11 -30.92 -9.22
CA LEU B 30 1.19 -29.92 -8.13
C LEU B 30 -0.18 -29.63 -7.50
N GLU B 31 -1.22 -29.58 -8.33
CA GLU B 31 -2.58 -29.33 -7.90
C GLU B 31 -3.03 -30.38 -6.90
N THR B 32 -2.82 -31.64 -7.28
CA THR B 32 -3.14 -32.82 -6.52
C THR B 32 -2.48 -32.74 -5.15
N LEU B 33 -1.19 -32.41 -5.19
CA LEU B 33 -0.37 -32.33 -3.99
C LEU B 33 -0.82 -31.23 -3.03
N PHE B 34 -1.17 -30.05 -3.55
CA PHE B 34 -1.28 -28.87 -2.72
C PHE B 34 -2.71 -28.46 -2.47
N THR B 35 -3.66 -29.13 -3.11
CA THR B 35 -5.07 -28.80 -2.86
C THR B 35 -5.51 -29.45 -1.54
N VAL B 36 -6.25 -28.68 -0.74
CA VAL B 36 -6.81 -29.14 0.52
C VAL B 36 -8.30 -29.14 0.31
N SER B 37 -8.92 -30.32 0.32
CA SER B 37 -10.35 -30.37 0.09
C SER B 37 -11.08 -29.92 1.36
N SER B 38 -12.35 -29.55 1.20
CA SER B 38 -13.26 -29.26 2.31
C SER B 38 -13.20 -30.37 3.38
N GLU B 39 -13.45 -31.59 2.92
CA GLU B 39 -13.42 -32.77 3.77
C GLU B 39 -12.16 -32.91 4.60
N LYS B 40 -11.00 -32.73 3.98
CA LYS B 40 -9.73 -32.75 4.74
C LYS B 40 -9.69 -31.61 5.75
N MET B 41 -10.14 -30.41 5.37
CA MET B 41 -10.20 -29.28 6.33
C MET B 41 -11.07 -29.64 7.53
N ARG B 42 -12.19 -30.29 7.27
CA ARG B 42 -13.04 -30.79 8.34
C ARG B 42 -12.38 -31.83 9.25
N SER B 43 -11.75 -32.85 8.69
CA SER B 43 -11.01 -33.85 9.49
C SER B 43 -9.98 -33.08 10.33
N ILE B 44 -9.40 -32.04 9.75
CA ILE B 44 -8.41 -31.26 10.45
C ILE B 44 -9.10 -30.50 11.57
N VAL B 45 -10.23 -29.86 11.28
CA VAL B 45 -10.93 -29.08 12.31
C VAL B 45 -11.33 -29.99 13.50
N LYS B 46 -11.72 -31.25 13.25
CA LYS B 46 -12.12 -32.15 14.37
C LYS B 46 -10.94 -32.44 15.29
N HIS B 47 -9.81 -32.85 14.70
CA HIS B 47 -8.59 -33.07 15.50
C HIS B 47 -8.12 -31.76 16.18
N PHE B 48 -8.29 -30.61 15.52
CA PHE B 48 -7.81 -29.33 16.09
C PHE B 48 -8.56 -28.99 17.41
N ILE B 49 -9.88 -29.16 17.41
CA ILE B 49 -10.74 -28.96 18.55
C ILE B 49 -10.29 -29.87 19.70
N SER B 50 -10.07 -31.14 19.35
CA SER B 50 -9.54 -32.18 20.26
C SER B 50 -8.25 -31.72 20.93
N GLU B 51 -7.38 -31.07 20.16
CA GLU B 51 -6.09 -30.60 20.66
C GLU B 51 -6.22 -29.30 21.47
N LEU B 52 -7.25 -28.51 21.16
CA LEU B 52 -7.51 -27.30 21.95
C LEU B 52 -8.07 -27.72 23.32
N ASP B 53 -9.03 -28.64 23.35
CA ASP B 53 -9.56 -29.20 24.61
C ASP B 53 -8.44 -29.85 25.42
N LYS B 54 -7.64 -30.68 24.75
CA LYS B 54 -6.43 -31.25 25.33
C LYS B 54 -5.49 -30.25 26.00
N GLY B 55 -5.18 -29.12 25.34
CA GLY B 55 -4.29 -28.10 25.93
C GLY B 55 -4.85 -27.41 27.17
N LEU B 56 -6.18 -27.44 27.30
CA LEU B 56 -6.81 -26.86 28.49
C LEU B 56 -6.98 -27.87 29.62
N SER B 57 -6.81 -29.17 29.31
CA SER B 57 -6.87 -30.22 30.33
C SER B 57 -5.70 -30.20 31.32
N LYS B 58 -5.87 -30.89 32.46
CA LYS B 58 -4.82 -31.08 33.48
C LYS B 58 -3.53 -31.63 32.89
N LYS B 59 -3.63 -32.67 32.05
CA LYS B 59 -2.48 -33.26 31.35
C LYS B 59 -1.84 -32.31 30.30
N GLY B 60 -2.62 -31.43 29.70
CA GLY B 60 -2.08 -30.52 28.67
C GLY B 60 -1.81 -31.27 27.36
N GLY B 61 -1.17 -30.59 26.41
CA GLY B 61 -0.94 -31.13 25.09
C GLY B 61 0.06 -30.27 24.34
N ASN B 62 0.20 -30.50 23.03
CA ASN B 62 1.19 -29.79 22.24
C ASN B 62 0.86 -28.31 22.13
N ILE B 63 -0.44 -27.97 22.16
CA ILE B 63 -0.95 -26.58 22.19
C ILE B 63 -1.03 -26.02 23.62
N PRO B 64 -0.24 -24.99 23.92
CA PRO B 64 -0.18 -24.44 25.28
C PRO B 64 -1.54 -23.94 25.84
N MET B 65 -2.36 -23.26 25.04
CA MET B 65 -3.66 -22.76 25.53
C MET B 65 -3.51 -22.05 26.88
N ILE B 66 -2.77 -20.95 26.85
CA ILE B 66 -2.38 -20.22 28.03
C ILE B 66 -3.48 -19.25 28.47
N PRO B 67 -3.97 -19.43 29.72
CA PRO B 67 -4.93 -18.48 30.29
C PRO B 67 -4.35 -17.05 30.28
N GLY B 68 -5.12 -16.09 29.76
CA GLY B 68 -4.64 -14.68 29.66
C GLY B 68 -5.03 -13.83 30.85
N TRP B 69 -5.85 -14.37 31.75
CA TRP B 69 -6.24 -13.65 32.97
C TRP B 69 -6.97 -12.35 32.63
N VAL B 70 -7.59 -12.33 31.44
CA VAL B 70 -8.60 -11.32 31.14
C VAL B 70 -9.89 -12.08 31.31
N VAL B 71 -10.69 -11.69 32.29
CA VAL B 71 -11.83 -12.50 32.70
C VAL B 71 -13.20 -11.81 32.48
N GLU B 72 -13.22 -10.83 31.56
CA GLU B 72 -14.34 -9.94 31.23
C GLU B 72 -14.21 -9.56 29.76
N TYR B 73 -15.33 -9.27 29.09
CA TYR B 73 -15.30 -8.63 27.78
C TYR B 73 -15.29 -7.10 28.00
N PRO B 74 -14.54 -6.36 27.16
CA PRO B 74 -14.72 -4.89 27.14
C PRO B 74 -16.14 -4.58 26.61
N THR B 75 -16.86 -3.65 27.22
CA THR B 75 -18.21 -3.32 26.77
C THR B 75 -18.25 -2.21 25.69
N GLY B 76 -17.09 -1.58 25.43
CA GLY B 76 -17.05 -0.32 24.68
C GLY B 76 -17.39 0.92 25.52
N LYS B 77 -17.88 0.72 26.75
CA LYS B 77 -18.20 1.87 27.64
C LYS B 77 -17.03 2.41 28.48
N GLU B 78 -15.90 1.71 28.45
CA GLU B 78 -14.73 2.07 29.24
C GLU B 78 -14.21 3.48 28.91
N THR B 79 -13.76 4.23 29.91
CA THR B 79 -13.23 5.60 29.69
C THR B 79 -11.96 5.75 30.53
N GLY B 80 -11.06 6.66 30.17
CA GLY B 80 -9.86 6.86 30.99
C GLY B 80 -8.59 6.80 30.18
N ASP B 81 -7.50 7.18 30.82
CA ASP B 81 -6.18 7.23 30.18
C ASP B 81 -5.38 6.04 30.64
N PHE B 82 -4.79 5.30 29.69
CA PHE B 82 -4.03 4.09 29.99
C PHE B 82 -2.75 4.02 29.15
N LEU B 83 -1.72 3.38 29.71
CA LEU B 83 -0.46 3.25 29.00
C LEU B 83 -0.31 1.85 28.49
N ALA B 84 0.37 1.75 27.35
CA ALA B 84 0.83 0.47 26.90
C ALA B 84 2.32 0.56 26.64
N LEU B 85 2.99 -0.53 26.95
CA LEU B 85 4.39 -0.66 26.69
C LEU B 85 4.52 -1.91 25.83
N ASP B 86 5.20 -1.79 24.69
CA ASP B 86 5.27 -2.90 23.72
C ASP B 86 6.76 -3.08 23.52
N LEU B 87 7.35 -4.06 24.21
CA LEU B 87 8.78 -4.33 24.02
C LEU B 87 9.05 -5.32 22.85
N GLY B 88 9.78 -4.84 21.83
CA GLY B 88 10.26 -5.67 20.73
C GLY B 88 11.73 -6.01 20.90
N GLY B 89 12.30 -6.67 19.90
CA GLY B 89 13.69 -7.07 19.94
C GLY B 89 14.65 -5.93 19.67
N THR B 90 14.17 -4.95 18.91
CA THR B 90 14.98 -3.82 18.45
C THR B 90 14.49 -2.50 19.05
N ASN B 91 13.18 -2.42 19.25
CA ASN B 91 12.50 -1.18 19.62
C ASN B 91 11.45 -1.36 20.72
N LEU B 92 11.21 -0.30 21.48
CA LEU B 92 10.02 -0.30 22.33
C LEU B 92 9.07 0.81 21.90
N ARG B 93 7.78 0.58 22.09
CA ARG B 93 6.76 1.57 21.80
C ARG B 93 6.08 1.92 23.13
N VAL B 94 5.85 3.21 23.36
CA VAL B 94 5.08 3.59 24.52
C VAL B 94 3.83 4.23 23.96
N VAL B 95 2.68 3.77 24.41
CA VAL B 95 1.43 4.31 23.91
C VAL B 95 0.56 4.85 25.03
N LEU B 96 0.08 6.08 24.87
CA LEU B 96 -1.00 6.61 25.72
C LEU B 96 -2.31 6.46 24.97
N VAL B 97 -3.26 5.80 25.63
CA VAL B 97 -4.54 5.48 25.07
C VAL B 97 -5.62 6.12 25.93
N LYS B 98 -6.42 6.96 25.29
CA LYS B 98 -7.60 7.56 25.90
C LYS B 98 -8.84 6.89 25.36
N LEU B 99 -9.55 6.18 26.23
CA LEU B 99 -10.80 5.51 25.82
C LEU B 99 -11.95 6.48 25.94
N GLY B 100 -12.75 6.59 24.90
CA GLY B 100 -13.80 7.60 24.84
C GLY B 100 -15.17 7.07 25.19
N GLY B 101 -15.26 5.79 25.56
CA GLY B 101 -16.50 5.21 26.12
C GLY B 101 -17.65 4.99 25.14
N ASN B 102 -17.35 5.09 23.85
CA ASN B 102 -18.27 4.70 22.80
C ASN B 102 -17.51 3.88 21.77
N HIS B 103 -16.83 2.83 22.24
CA HIS B 103 -16.09 1.91 21.37
C HIS B 103 -14.98 2.68 20.62
N ASP B 104 -14.46 3.76 21.22
CA ASP B 104 -13.60 4.67 20.47
C ASP B 104 -12.39 5.02 21.33
N PHE B 105 -11.32 5.46 20.68
CA PHE B 105 -10.09 5.74 21.43
C PHE B 105 -9.23 6.70 20.66
N ASP B 106 -8.27 7.26 21.38
CA ASP B 106 -7.31 8.18 20.84
C ASP B 106 -5.92 7.73 21.34
N THR B 107 -4.88 7.89 20.52
CA THR B 107 -3.55 7.46 20.92
C THR B 107 -2.51 8.52 20.73
N THR B 108 -1.46 8.40 21.51
CA THR B 108 -0.30 9.26 21.44
C THR B 108 0.85 8.27 21.68
N GLN B 109 1.82 8.22 20.78
CA GLN B 109 2.76 7.15 20.94
C GLN B 109 4.13 7.51 20.48
N ASN B 110 5.11 6.89 21.11
CA ASN B 110 6.52 7.14 20.80
C ASN B 110 7.17 5.81 20.54
N LYS B 111 8.28 5.81 19.81
CA LYS B 111 8.97 4.57 19.56
C LYS B 111 10.41 4.88 19.90
N TYR B 112 11.09 3.99 20.61
CA TYR B 112 12.53 4.20 20.93
C TYR B 112 13.39 3.01 20.47
N ARG B 113 14.52 3.29 19.82
CA ARG B 113 15.48 2.23 19.53
C ARG B 113 16.14 1.80 20.83
N LEU B 114 16.22 0.48 21.04
CA LEU B 114 16.99 -0.03 22.17
C LEU B 114 18.47 0.12 21.83
N PRO B 115 19.27 0.72 22.74
CA PRO B 115 20.71 0.74 22.46
C PRO B 115 21.18 -0.70 22.35
N ASP B 116 22.10 -0.94 21.43
CA ASP B 116 22.42 -2.32 21.00
C ASP B 116 23.04 -3.21 22.09
N HIS B 117 23.55 -2.59 23.16
CA HIS B 117 24.16 -3.34 24.26
C HIS B 117 23.13 -4.05 25.16
N LEU B 118 21.90 -3.56 25.15
CA LEU B 118 20.81 -4.13 25.97
C LEU B 118 20.57 -5.63 25.81
N ARG B 119 20.73 -6.14 24.59
CA ARG B 119 20.64 -7.59 24.30
C ARG B 119 21.50 -8.46 25.24
N THR B 120 22.68 -7.94 25.58
CA THR B 120 23.72 -8.66 26.33
C THR B 120 24.14 -7.87 27.60
N GLY B 121 23.32 -6.91 28.01
CA GLY B 121 23.59 -6.11 29.20
C GLY B 121 23.01 -6.75 30.44
N THR B 122 22.95 -6.00 31.53
CA THR B 122 22.36 -6.49 32.80
C THR B 122 20.82 -6.36 32.84
N SER B 123 20.23 -6.99 33.85
CA SER B 123 18.81 -6.80 34.16
C SER B 123 18.48 -5.32 34.43
N GLU B 124 19.23 -4.68 35.33
CA GLU B 124 19.00 -3.28 35.68
C GLU B 124 19.09 -2.39 34.45
N GLN B 125 20.01 -2.74 33.55
CA GLN B 125 20.27 -2.03 32.28
C GLN B 125 19.03 -1.94 31.41
N LEU B 126 18.32 -3.06 31.29
CA LEU B 126 17.16 -3.16 30.44
C LEU B 126 16.00 -2.37 31.06
N TRP B 127 15.67 -2.68 32.31
CA TRP B 127 14.52 -2.08 32.98
C TRP B 127 14.66 -0.58 33.22
N SER B 128 15.90 -0.13 33.46
CA SER B 128 16.13 1.30 33.72
C SER B 128 15.98 2.10 32.44
N PHE B 129 16.42 1.53 31.31
CA PHE B 129 16.26 2.18 30.00
C PHE B 129 14.77 2.28 29.64
N ILE B 130 14.05 1.19 29.83
CA ILE B 130 12.60 1.20 29.63
C ILE B 130 11.93 2.28 30.49
N ALA B 131 12.22 2.28 31.79
CA ALA B 131 11.67 3.27 32.72
C ALA B 131 12.00 4.68 32.28
N LYS B 132 13.22 4.87 31.76
CA LYS B 132 13.64 6.16 31.28
C LYS B 132 12.76 6.61 30.12
N CYS B 133 12.47 5.68 29.21
CA CYS B 133 11.62 6.00 28.08
C CYS B 133 10.24 6.38 28.55
N LEU B 134 9.76 5.67 29.58
CA LEU B 134 8.47 5.93 30.19
C LEU B 134 8.43 7.31 30.81
N LYS B 135 9.48 7.65 31.55
CA LYS B 135 9.54 8.88 32.35
C LYS B 135 9.46 10.08 31.43
N GLU B 136 10.24 9.98 30.36
CA GLU B 136 10.42 11.05 29.41
C GLU B 136 9.19 11.18 28.51
N PHE B 137 8.44 10.09 28.38
CA PHE B 137 7.12 10.13 27.75
C PHE B 137 6.07 10.80 28.66
N VAL B 138 6.02 10.37 29.92
CA VAL B 138 5.01 10.85 30.87
C VAL B 138 5.27 12.31 31.28
N ASP B 139 6.55 12.70 31.33
CA ASP B 139 6.96 14.07 31.64
C ASP B 139 6.45 15.06 30.58
N GLU B 140 6.37 14.56 29.36
CA GLU B 140 5.86 15.28 28.20
C GLU B 140 4.34 15.42 28.21
N TRP B 141 3.63 14.29 28.21
CA TRP B 141 2.18 14.29 28.04
C TRP B 141 1.37 14.63 29.31
N TYR B 142 2.07 14.86 30.42
CA TYR B 142 1.44 15.21 31.71
C TYR B 142 2.30 16.20 32.52
N PRO B 143 2.32 17.48 32.09
CA PRO B 143 3.24 18.51 32.58
C PRO B 143 3.29 18.66 34.11
N ASP B 144 2.13 18.54 34.75
CA ASP B 144 2.02 18.57 36.21
C ASP B 144 1.34 17.31 36.74
N GLY B 145 1.85 16.16 36.32
CA GLY B 145 1.34 14.85 36.72
C GLY B 145 -0.14 14.67 36.43
N VAL B 146 -0.77 13.77 37.20
CA VAL B 146 -2.21 13.56 37.19
C VAL B 146 -2.51 12.99 38.58
N SER B 147 -3.79 12.90 38.96
CA SER B 147 -4.13 12.40 40.29
C SER B 147 -3.91 10.88 40.41
N GLU B 148 -4.54 10.13 39.52
CA GLU B 148 -4.39 8.67 39.49
C GLU B 148 -3.06 8.32 38.84
N PRO B 149 -2.34 7.31 39.38
CA PRO B 149 -1.28 6.78 38.56
C PRO B 149 -1.89 6.17 37.28
N LEU B 150 -1.15 6.22 36.19
CA LEU B 150 -1.62 5.59 34.96
C LEU B 150 -1.44 4.08 35.05
N PRO B 151 -2.54 3.30 34.91
CA PRO B 151 -2.34 1.85 34.77
C PRO B 151 -1.65 1.55 33.43
N LEU B 152 -0.65 0.68 33.48
CA LEU B 152 0.08 0.27 32.29
C LEU B 152 -0.11 -1.22 31.99
N GLY B 153 -0.42 -1.51 30.74
CA GLY B 153 -0.35 -2.88 30.18
C GLY B 153 0.96 -3.05 29.42
N PHE B 154 1.65 -4.15 29.70
CA PHE B 154 2.96 -4.42 29.14
C PHE B 154 2.79 -5.63 28.19
N THR B 155 2.99 -5.41 26.90
CA THR B 155 3.16 -6.50 25.91
C THR B 155 4.59 -6.92 25.91
N PHE B 156 4.81 -8.09 26.43
CA PHE B 156 6.11 -8.65 26.58
C PHE B 156 6.02 -9.97 25.79
N SER B 157 6.45 -9.98 24.53
CA SER B 157 6.17 -11.19 23.74
C SER B 157 7.40 -12.16 23.68
N TYR B 158 7.68 -12.72 24.85
CA TYR B 158 8.74 -13.68 25.12
C TYR B 158 8.05 -14.73 25.99
N PRO B 159 8.46 -15.99 25.91
CA PRO B 159 7.76 -17.02 26.69
C PRO B 159 7.77 -16.66 28.17
N ALA B 160 6.58 -16.66 28.78
CA ALA B 160 6.42 -16.16 30.14
C ALA B 160 5.18 -16.74 30.83
N SER B 161 5.36 -17.30 32.04
CA SER B 161 4.25 -17.88 32.79
C SER B 161 3.65 -16.86 33.74
N GLN B 162 2.33 -16.90 33.88
CA GLN B 162 1.62 -15.97 34.71
C GLN B 162 0.64 -16.72 35.55
N LYS B 163 0.69 -16.52 36.87
CA LYS B 163 -0.37 -17.06 37.73
C LYS B 163 -1.43 -16.00 37.93
N LYS B 164 -1.17 -14.78 37.45
CA LYS B 164 -2.07 -13.67 37.57
C LYS B 164 -1.69 -12.66 36.53
N ILE B 165 -2.62 -11.82 36.13
CA ILE B 165 -2.31 -10.94 34.99
C ILE B 165 -1.19 -9.97 35.29
N ASN B 166 -1.03 -9.55 36.54
CA ASN B 166 -0.06 -8.50 36.85
C ASN B 166 1.27 -9.13 37.32
N SER B 167 1.69 -10.14 36.58
CA SER B 167 2.91 -10.88 36.86
C SER B 167 3.34 -11.51 35.55
N GLY B 168 4.63 -11.79 35.42
CA GLY B 168 5.11 -12.52 34.27
C GLY B 168 6.50 -13.03 34.55
N VAL B 169 6.61 -14.34 34.73
CA VAL B 169 7.89 -14.99 34.93
C VAL B 169 8.48 -15.44 33.59
N LEU B 170 9.62 -14.86 33.25
CA LEU B 170 10.37 -15.19 32.05
C LEU B 170 10.81 -16.67 32.03
N GLN B 171 10.41 -17.41 30.98
CA GLN B 171 10.79 -18.82 30.80
C GLN B 171 12.12 -18.92 30.05
N ARG B 172 12.24 -18.17 28.95
CA ARG B 172 13.45 -18.18 28.11
C ARG B 172 13.42 -16.95 27.23
N TRP B 173 14.59 -16.37 27.01
CA TRP B 173 14.75 -15.29 26.07
C TRP B 173 14.68 -15.87 24.66
N THR B 174 14.12 -15.07 23.73
CA THR B 174 14.20 -15.32 22.28
C THR B 174 14.68 -14.03 21.57
N LYS B 175 14.70 -14.06 20.22
CA LYS B 175 15.08 -12.91 19.39
C LYS B 175 16.50 -12.43 19.76
N GLY B 176 17.35 -13.39 20.10
CA GLY B 176 18.74 -13.15 20.47
C GLY B 176 18.97 -12.18 21.62
N PHE B 177 18.17 -12.32 22.68
CA PHE B 177 18.37 -11.60 23.94
C PHE B 177 19.08 -12.56 24.91
N ASP B 178 19.89 -11.99 25.79
CA ASP B 178 20.86 -12.76 26.54
C ASP B 178 21.19 -11.96 27.80
N ILE B 179 20.21 -11.85 28.68
CA ILE B 179 20.31 -10.99 29.86
C ILE B 179 20.33 -11.83 31.15
N GLU B 180 21.42 -11.73 31.90
CA GLU B 180 21.59 -12.48 33.14
C GLU B 180 20.75 -11.92 34.29
N GLY B 181 19.94 -12.80 34.90
CA GLY B 181 19.19 -12.45 36.11
C GLY B 181 17.69 -12.37 35.92
N VAL B 182 17.22 -12.76 34.74
CA VAL B 182 15.82 -12.53 34.42
C VAL B 182 15.04 -13.83 34.25
N GLU B 183 15.64 -14.78 33.53
CA GLU B 183 14.99 -16.08 33.35
C GLU B 183 14.69 -16.70 34.72
N GLY B 184 13.41 -16.97 34.98
CA GLY B 184 12.97 -17.50 36.26
C GLY B 184 12.34 -16.50 37.23
N HIS B 185 12.34 -15.20 36.90
CA HIS B 185 11.77 -14.20 37.81
C HIS B 185 10.66 -13.40 37.17
N ASP B 186 9.81 -12.83 38.03
CA ASP B 186 8.66 -12.06 37.64
C ASP B 186 9.20 -10.71 37.16
N VAL B 187 8.92 -10.36 35.91
CA VAL B 187 9.55 -9.17 35.30
C VAL B 187 8.80 -7.91 35.68
N VAL B 188 7.52 -8.06 36.02
CA VAL B 188 6.67 -6.95 36.44
C VAL B 188 7.27 -6.13 37.62
N PRO B 189 7.55 -6.77 38.80
CA PRO B 189 8.27 -6.06 39.87
C PRO B 189 9.59 -5.47 39.42
N MET B 190 10.31 -6.11 38.51
CA MET B 190 11.56 -5.56 37.96
C MET B 190 11.35 -4.23 37.25
N LEU B 191 10.35 -4.16 36.37
CA LEU B 191 10.06 -2.95 35.66
C LEU B 191 9.53 -1.93 36.68
N GLN B 192 8.61 -2.38 37.53
CA GLN B 192 7.98 -1.49 38.52
C GLN B 192 8.97 -0.78 39.47
N GLU B 193 10.06 -1.45 39.88
CA GLU B 193 10.96 -0.77 40.80
C GLU B 193 11.86 0.26 40.11
N GLN B 194 12.12 0.09 38.81
CA GLN B 194 12.81 1.11 37.99
C GLN B 194 11.93 2.34 37.71
N ILE B 195 10.65 2.10 37.43
CA ILE B 195 9.62 3.16 37.40
C ILE B 195 9.61 3.95 38.73
N GLU B 196 9.52 3.23 39.86
CA GLU B 196 9.58 3.82 41.21
C GLU B 196 10.84 4.60 41.49
N LYS B 197 11.96 4.01 41.03
CA LYS B 197 13.28 4.61 41.22
C LYS B 197 13.42 5.86 40.35
N LEU B 198 12.45 6.13 39.46
CA LEU B 198 12.43 7.37 38.67
C LEU B 198 11.23 8.26 39.04
N ASN B 199 10.46 7.80 40.03
CA ASN B 199 9.33 8.53 40.59
C ASN B 199 8.19 8.84 39.59
N ILE B 200 8.06 8.00 38.56
CA ILE B 200 7.04 8.16 37.53
C ILE B 200 5.68 7.65 38.04
N PRO B 201 4.59 8.38 37.75
CA PRO B 201 3.22 8.02 38.17
C PRO B 201 2.58 6.86 37.35
N ILE B 202 3.18 5.67 37.43
CA ILE B 202 2.75 4.54 36.61
C ILE B 202 2.68 3.28 37.44
N ASN B 203 1.61 2.55 37.17
CA ASN B 203 1.35 1.26 37.80
CA ASN B 203 1.21 1.31 37.79
C ASN B 203 1.19 0.18 36.76
N VAL B 204 2.18 -0.72 36.75
CA VAL B 204 2.08 -1.89 35.86
C VAL B 204 1.04 -2.87 36.39
N VAL B 205 -0.10 -2.97 35.71
CA VAL B 205 -1.21 -3.82 36.13
C VAL B 205 -1.41 -5.09 35.27
N ALA B 206 -0.75 -5.19 34.11
CA ALA B 206 -1.03 -6.31 33.19
C ALA B 206 0.17 -6.60 32.33
N LEU B 207 0.48 -7.89 32.22
CA LEU B 207 1.46 -8.36 31.26
C LEU B 207 0.76 -9.30 30.27
N ILE B 208 0.85 -8.97 28.98
CA ILE B 208 0.12 -9.73 27.96
C ILE B 208 1.00 -10.17 26.80
N ASN B 209 0.45 -11.11 26.03
CA ASN B 209 0.94 -11.49 24.72
C ASN B 209 0.11 -10.67 23.74
N ASP B 210 0.69 -10.35 22.59
CA ASP B 210 0.07 -9.41 21.64
C ASP B 210 -1.23 -9.92 21.05
N THR B 211 -1.33 -11.24 20.89
CA THR B 211 -2.54 -11.77 20.33
C THR B 211 -3.72 -11.55 21.26
N THR B 212 -3.48 -11.71 22.57
CA THR B 212 -4.48 -11.41 23.55
C THR B 212 -4.94 -9.95 23.42
N GLY B 213 -3.99 -9.04 23.24
CA GLY B 213 -4.36 -7.66 23.05
C GLY B 213 -5.12 -7.42 21.76
N THR B 214 -4.81 -8.18 20.71
CA THR B 214 -5.50 -8.03 19.41
C THR B 214 -6.99 -8.39 19.60
N LEU B 215 -7.20 -9.49 20.33
CA LEU B 215 -8.55 -9.90 20.67
C LEU B 215 -9.27 -8.81 21.45
N VAL B 216 -8.66 -8.33 22.54
CA VAL B 216 -9.37 -7.40 23.44
C VAL B 216 -9.66 -6.03 22.85
N ALA B 217 -8.64 -5.46 22.21
CA ALA B 217 -8.77 -4.18 21.56
C ALA B 217 -9.83 -4.25 20.48
N SER B 218 -9.89 -5.35 19.72
CA SER B 218 -10.82 -5.40 18.59
C SER B 218 -12.25 -5.57 19.09
N LEU B 219 -12.42 -6.33 20.15
CA LEU B 219 -13.71 -6.49 20.78
C LEU B 219 -14.26 -5.17 21.38
N TYR B 220 -13.36 -4.35 21.94
CA TYR B 220 -13.71 -3.01 22.43
C TYR B 220 -14.29 -2.12 21.32
N THR B 221 -13.66 -2.14 20.14
CA THR B 221 -14.16 -1.32 19.03
C THR B 221 -15.24 -2.04 18.22
N ASP B 222 -15.16 -3.36 18.12
CA ASP B 222 -16.10 -4.13 17.30
C ASP B 222 -16.81 -5.23 18.12
N PRO B 223 -18.08 -4.98 18.56
CA PRO B 223 -18.72 -5.93 19.52
C PRO B 223 -18.86 -7.38 19.00
N GLN B 224 -18.77 -7.57 17.69
CA GLN B 224 -18.89 -8.89 17.07
C GLN B 224 -17.59 -9.71 17.05
N THR B 225 -16.51 -9.14 17.59
CA THR B 225 -15.18 -9.81 17.58
C THR B 225 -15.25 -11.03 18.48
N LYS B 226 -14.87 -12.18 17.94
CA LYS B 226 -14.85 -13.42 18.74
C LYS B 226 -13.50 -14.12 18.79
N MET B 227 -12.53 -13.51 18.12
CA MET B 227 -11.21 -14.10 18.07
C MET B 227 -10.24 -13.07 17.58
N GLY B 228 -9.01 -13.17 18.02
CA GLY B 228 -7.93 -12.31 17.48
C GLY B 228 -6.93 -13.25 16.84
N ILE B 229 -6.49 -12.95 15.62
CA ILE B 229 -5.58 -13.90 14.96
C ILE B 229 -4.40 -13.17 14.33
N ILE B 230 -3.22 -13.76 14.45
CA ILE B 230 -2.05 -13.21 13.77
C ILE B 230 -1.67 -14.20 12.68
N ILE B 231 -1.58 -13.68 11.45
CA ILE B 231 -1.08 -14.50 10.33
C ILE B 231 0.05 -13.75 9.67
N GLY B 232 1.26 -14.15 10.02
CA GLY B 232 2.39 -13.38 9.60
C GLY B 232 3.58 -14.28 9.53
N THR B 233 4.71 -13.81 10.06
CA THR B 233 5.93 -14.61 10.13
C THR B 233 5.71 -15.76 11.11
N GLY B 234 5.12 -15.44 12.26
CA GLY B 234 4.58 -16.45 13.18
C GLY B 234 3.04 -16.43 13.10
N VAL B 235 2.39 -17.38 13.74
CA VAL B 235 0.96 -17.44 13.72
C VAL B 235 0.48 -17.60 15.16
N ASN B 236 -0.66 -16.99 15.51
CA ASN B 236 -1.22 -17.22 16.83
C ASN B 236 -2.68 -16.89 16.76
N GLY B 237 -3.42 -17.34 17.76
CA GLY B 237 -4.81 -16.99 17.91
C GLY B 237 -5.17 -16.85 19.38
N ALA B 238 -6.16 -16.02 19.67
CA ALA B 238 -6.63 -15.86 21.05
C ALA B 238 -8.13 -15.69 21.01
N TYR B 239 -8.82 -16.12 22.06
CA TYR B 239 -10.29 -16.12 22.04
C TYR B 239 -10.71 -16.27 23.49
N TYR B 240 -12.01 -16.15 23.76
CA TYR B 240 -12.51 -16.32 25.12
C TYR B 240 -13.13 -17.68 25.26
N ASP B 241 -12.53 -18.49 26.15
CA ASP B 241 -13.18 -19.68 26.58
C ASP B 241 -13.94 -19.39 27.88
N VAL B 242 -14.30 -20.44 28.59
CA VAL B 242 -15.17 -20.36 29.75
C VAL B 242 -14.40 -21.13 30.84
N VAL B 243 -14.40 -20.60 32.05
CA VAL B 243 -13.53 -21.14 33.10
C VAL B 243 -13.79 -22.63 33.40
N SER B 244 -15.06 -23.04 33.34
CA SER B 244 -15.47 -24.43 33.50
C SER B 244 -14.93 -25.36 32.40
N GLY B 245 -14.45 -24.81 31.28
CA GLY B 245 -13.82 -25.58 30.22
C GLY B 245 -12.31 -25.68 30.40
N ILE B 246 -11.78 -25.05 31.45
CA ILE B 246 -10.34 -25.07 31.73
C ILE B 246 -9.98 -25.95 32.95
N GLU B 247 -9.89 -27.25 32.72
CA GLU B 247 -9.66 -28.20 33.78
C GLU B 247 -8.34 -27.98 34.50
N LYS B 248 -7.29 -27.63 33.77
CA LYS B 248 -6.01 -27.27 34.45
C LYS B 248 -6.12 -26.14 35.48
N LEU B 249 -7.27 -25.46 35.54
CA LEU B 249 -7.46 -24.43 36.55
C LEU B 249 -8.30 -24.83 37.76
N GLU B 250 -8.92 -26.02 37.73
CA GLU B 250 -9.77 -26.42 38.83
C GLU B 250 -8.99 -26.51 40.11
N GLY B 251 -9.58 -26.02 41.18
CA GLY B 251 -8.96 -26.02 42.52
C GLY B 251 -8.04 -24.84 42.75
N LEU B 252 -7.77 -24.05 41.71
CA LEU B 252 -6.78 -22.94 41.77
C LEU B 252 -7.40 -21.56 41.80
N LEU B 253 -8.69 -21.49 41.56
CA LEU B 253 -9.36 -20.24 41.35
C LEU B 253 -10.20 -19.83 42.54
N PRO B 254 -10.21 -18.53 42.82
CA PRO B 254 -11.11 -17.94 43.81
C PRO B 254 -12.56 -17.86 43.28
N GLU B 255 -13.52 -17.69 44.19
CA GLU B 255 -14.96 -17.79 43.88
C GLU B 255 -15.43 -16.72 42.91
N ASP B 256 -14.82 -15.54 42.96
CA ASP B 256 -15.12 -14.49 42.00
C ASP B 256 -14.49 -14.69 40.59
N ILE B 257 -13.92 -15.84 40.34
CA ILE B 257 -13.67 -16.26 38.96
C ILE B 257 -14.30 -17.62 38.89
N GLY B 258 -15.63 -17.64 38.86
CA GLY B 258 -16.36 -18.91 38.90
C GLY B 258 -16.50 -19.60 37.55
N PRO B 259 -17.13 -20.80 37.55
CA PRO B 259 -17.40 -21.66 36.41
C PRO B 259 -17.80 -20.94 35.13
N ASP B 260 -18.66 -19.93 35.24
CA ASP B 260 -19.21 -19.23 34.05
C ASP B 260 -18.28 -18.14 33.50
N SER B 261 -17.23 -17.84 34.23
CA SER B 261 -16.38 -16.70 33.89
C SER B 261 -15.72 -16.84 32.51
N PRO B 262 -15.75 -15.76 31.73
CA PRO B 262 -14.96 -15.67 30.49
C PRO B 262 -13.49 -15.74 30.87
N MET B 263 -12.66 -16.31 30.00
CA MET B 263 -11.23 -16.32 30.22
C MET B 263 -10.55 -16.24 28.86
N ALA B 264 -9.87 -15.13 28.59
CA ALA B 264 -9.07 -14.99 27.34
C ALA B 264 -8.03 -16.10 27.35
N ILE B 265 -7.92 -16.83 26.23
CA ILE B 265 -6.89 -17.84 26.05
C ILE B 265 -5.92 -17.40 24.95
N ASN B 266 -4.62 -17.34 25.26
CA ASN B 266 -3.58 -17.21 24.24
C ASN B 266 -3.18 -18.67 23.77
N CYS B 267 -3.67 -19.09 22.61
CA CYS B 267 -3.54 -20.50 22.18
C CYS B 267 -2.09 -20.99 22.00
N GLU B 268 -1.27 -20.12 21.41
CA GLU B 268 0.06 -20.47 20.90
C GLU B 268 -0.02 -21.71 20.02
N TYR B 269 -0.96 -21.70 19.08
CA TYR B 269 -1.31 -22.95 18.41
C TYR B 269 -0.40 -23.26 17.21
N GLY B 270 0.70 -22.51 17.10
CA GLY B 270 1.75 -22.77 16.10
C GLY B 270 2.21 -24.22 16.17
N SER B 271 2.16 -24.76 17.39
CA SER B 271 2.61 -26.11 17.70
C SER B 271 1.51 -27.13 17.49
N PHE B 272 0.35 -26.75 16.97
CA PHE B 272 -0.64 -27.79 16.66
C PHE B 272 -0.06 -28.86 15.70
N ASP B 273 -0.28 -30.14 15.99
CA ASP B 273 0.15 -31.25 15.11
C ASP B 273 1.67 -31.37 14.95
N ASN B 274 2.43 -31.08 16.00
CA ASN B 274 3.85 -31.43 16.03
C ASN B 274 4.14 -32.93 15.81
N GLU B 275 3.14 -33.80 16.03
CA GLU B 275 3.27 -35.27 15.84
C GLU B 275 3.35 -35.60 14.37
N HIS B 276 2.81 -34.69 13.57
CA HIS B 276 2.76 -34.78 12.10
C HIS B 276 1.73 -35.81 11.66
N LEU B 277 0.53 -35.66 12.18
CA LEU B 277 -0.49 -36.66 12.02
C LEU B 277 -1.61 -36.28 11.03
N VAL B 278 -1.99 -35.01 10.99
CA VAL B 278 -3.22 -34.57 10.32
C VAL B 278 -2.96 -33.50 9.21
N LEU B 279 -1.97 -32.62 9.38
CA LEU B 279 -1.70 -31.57 8.39
C LEU B 279 -1.18 -32.18 7.13
N PRO B 280 -1.68 -31.70 5.96
CA PRO B 280 -1.45 -32.44 4.69
C PRO B 280 -0.07 -32.12 4.14
N ARG B 281 0.98 -32.56 4.83
CA ARG B 281 2.33 -32.23 4.42
C ARG B 281 2.67 -32.92 3.11
N THR B 282 3.58 -32.29 2.37
CA THR B 282 4.18 -32.86 1.18
C THR B 282 5.66 -33.11 1.48
N LYS B 283 6.34 -33.76 0.56
CA LYS B 283 7.75 -34.01 0.71
C LYS B 283 8.55 -32.71 0.85
N TYR B 284 8.00 -31.61 0.32
CA TYR B 284 8.65 -30.31 0.43
C TYR B 284 8.54 -29.76 1.85
N ASP B 285 7.37 -29.92 2.47
CA ASP B 285 7.17 -29.52 3.85
C ASP B 285 8.07 -30.32 4.75
N VAL B 286 8.25 -31.59 4.40
CA VAL B 286 9.10 -32.50 5.18
C VAL B 286 10.52 -31.97 5.18
N ILE B 287 11.02 -31.60 4.00
CA ILE B 287 12.36 -30.99 3.84
C ILE B 287 12.48 -29.71 4.68
N ILE B 288 11.49 -28.81 4.55
CA ILE B 288 11.47 -27.57 5.32
C ILE B 288 11.63 -27.86 6.81
N ASP B 289 10.81 -28.76 7.34
CA ASP B 289 10.86 -29.14 8.73
C ASP B 289 12.24 -29.74 9.08
N GLU B 290 12.69 -30.72 8.29
CA GLU B 290 13.96 -31.40 8.59
C GLU B 290 15.18 -30.46 8.60
N GLU B 291 15.15 -29.48 7.70
CA GLU B 291 16.21 -28.47 7.57
C GLU B 291 16.04 -27.21 8.45
N SER B 292 14.90 -27.09 9.12
CA SER B 292 14.64 -25.94 9.99
C SER B 292 15.53 -25.96 11.25
N PRO B 293 15.54 -24.87 12.02
CA PRO B 293 16.25 -24.95 13.31
C PRO B 293 15.62 -25.95 14.29
N ARG B 294 14.29 -26.07 14.26
CA ARG B 294 13.57 -26.92 15.23
C ARG B 294 12.83 -28.09 14.56
N PRO B 295 13.56 -29.10 14.07
CA PRO B 295 12.76 -30.07 13.34
C PRO B 295 11.68 -30.72 14.23
N GLY B 296 10.48 -30.92 13.69
CA GLY B 296 9.40 -31.49 14.49
C GLY B 296 8.67 -30.49 15.38
N GLN B 297 9.08 -29.23 15.38
CA GLN B 297 8.38 -28.19 16.12
C GLN B 297 7.57 -27.26 15.20
N GLN B 298 6.59 -26.60 15.78
CA GLN B 298 5.78 -25.58 15.12
C GLN B 298 5.23 -26.00 13.74
N ALA B 299 4.66 -27.20 13.70
CA ALA B 299 4.14 -27.78 12.44
C ALA B 299 3.00 -26.97 11.83
N PHE B 300 2.12 -26.45 12.66
CA PHE B 300 1.01 -25.71 12.12
C PHE B 300 1.55 -24.37 11.63
N GLU B 301 2.50 -23.81 12.35
CA GLU B 301 3.14 -22.58 11.91
C GLU B 301 3.88 -22.78 10.59
N LYS B 302 4.56 -23.91 10.44
CA LYS B 302 5.30 -24.16 9.21
C LYS B 302 4.39 -24.34 8.01
N MET B 303 3.14 -24.71 8.26
CA MET B 303 2.16 -24.88 7.18
C MET B 303 1.29 -23.67 6.89
N THR B 304 1.36 -22.63 7.73
CA THR B 304 0.50 -21.44 7.56
C THR B 304 1.20 -20.08 7.60
N SER B 305 2.39 -20.04 8.17
CA SER B 305 3.17 -18.80 8.14
C SER B 305 3.60 -18.37 6.72
N GLY B 306 3.65 -17.07 6.49
CA GLY B 306 4.15 -16.54 5.22
C GLY B 306 5.63 -16.73 5.07
N TYR B 307 6.33 -16.96 6.17
CA TYR B 307 7.78 -17.18 6.10
C TYR B 307 8.21 -18.32 5.15
N TYR B 308 7.38 -19.37 5.04
CA TYR B 308 7.77 -20.56 4.32
C TYR B 308 7.23 -20.66 2.89
N LEU B 309 6.32 -19.76 2.48
CA LEU B 309 5.63 -19.88 1.19
C LEU B 309 6.61 -19.87 -0.01
N GLY B 310 7.61 -18.99 0.03
CA GLY B 310 8.61 -18.97 -1.04
C GLY B 310 9.57 -20.16 -1.02
N GLU B 311 9.89 -20.66 0.17
CA GLU B 311 10.73 -21.84 0.33
C GLU B 311 10.06 -23.11 -0.26
N ILE B 312 8.76 -23.30 0.00
CA ILE B 312 8.00 -24.38 -0.62
C ILE B 312 8.20 -24.33 -2.14
N MET B 313 7.96 -23.15 -2.71
CA MET B 313 8.15 -22.87 -4.15
C MET B 313 9.57 -23.15 -4.61
N ARG B 314 10.56 -22.70 -3.87
CA ARG B 314 11.96 -22.98 -4.28
C ARG B 314 12.19 -24.47 -4.43
N LEU B 315 11.67 -25.24 -3.46
CA LEU B 315 11.90 -26.68 -3.39
C LEU B 315 11.16 -27.42 -4.48
N VAL B 316 9.95 -26.96 -4.81
CA VAL B 316 9.18 -27.56 -5.89
C VAL B 316 9.92 -27.31 -7.20
N LEU B 317 10.43 -26.08 -7.39
CA LEU B 317 11.05 -25.71 -8.67
C LEU B 317 12.35 -26.45 -8.87
N LEU B 318 13.07 -26.63 -7.78
CA LEU B 318 14.29 -27.42 -7.76
C LEU B 318 14.04 -28.86 -8.14
N ASP B 319 13.03 -29.45 -7.51
CA ASP B 319 12.58 -30.79 -7.84
C ASP B 319 12.16 -30.93 -9.29
N LEU B 320 11.62 -29.86 -9.88
CA LEU B 320 11.21 -29.89 -11.28
C LEU B 320 12.41 -29.72 -12.20
N TYR B 321 13.36 -28.85 -11.82
CA TYR B 321 14.63 -28.76 -12.52
C TYR B 321 15.35 -30.14 -12.48
N ASP B 322 15.59 -30.67 -11.29
CA ASP B 322 16.28 -31.98 -11.10
C ASP B 322 15.63 -33.07 -11.91
N SER B 323 14.33 -32.95 -12.14
CA SER B 323 13.63 -34.01 -12.82
C SER B 323 13.49 -33.77 -14.36
N GLY B 324 14.15 -32.72 -14.87
CA GLY B 324 14.27 -32.40 -16.28
C GLY B 324 13.22 -31.50 -16.91
N PHE B 325 12.27 -31.00 -16.11
CA PHE B 325 11.10 -30.27 -16.66
C PHE B 325 11.29 -28.79 -16.97
N ILE B 326 12.07 -28.10 -16.17
CA ILE B 326 12.16 -26.66 -16.34
C ILE B 326 13.59 -26.17 -16.21
N PHE B 327 13.81 -24.94 -16.65
CA PHE B 327 15.10 -24.24 -16.56
C PHE B 327 16.24 -25.09 -17.16
N LYS B 328 15.96 -25.75 -18.29
CA LYS B 328 16.96 -26.63 -18.92
C LYS B 328 18.06 -25.76 -19.49
N ASP B 329 19.30 -25.94 -19.03
CA ASP B 329 20.39 -25.08 -19.48
C ASP B 329 20.23 -23.62 -19.01
N GLN B 330 19.69 -23.49 -17.80
CA GLN B 330 19.75 -22.22 -17.06
C GLN B 330 20.78 -22.39 -15.95
N ASP B 331 21.31 -21.27 -15.45
CA ASP B 331 22.19 -21.27 -14.27
C ASP B 331 21.35 -21.11 -13.00
N ILE B 332 21.07 -22.24 -12.36
CA ILE B 332 20.18 -22.25 -11.22
C ILE B 332 20.91 -22.25 -9.88
N SER B 333 22.17 -21.79 -9.85
CA SER B 333 22.93 -21.78 -8.59
C SER B 333 22.20 -20.97 -7.52
N LYS B 334 21.78 -19.76 -7.85
CA LYS B 334 21.09 -18.90 -6.89
C LYS B 334 19.85 -19.58 -6.29
N LEU B 335 19.23 -20.46 -7.06
CA LEU B 335 18.02 -21.20 -6.62
C LEU B 335 18.32 -22.21 -5.53
N LYS B 336 19.61 -22.51 -5.32
CA LYS B 336 20.00 -23.53 -4.34
C LYS B 336 20.09 -22.98 -2.91
N GLU B 337 20.07 -21.66 -2.73
CA GLU B 337 20.15 -21.04 -1.39
C GLU B 337 18.82 -21.13 -0.64
N ALA B 338 18.85 -21.73 0.55
CA ALA B 338 17.65 -21.90 1.36
C ALA B 338 17.12 -20.53 1.79
N TYR B 339 15.81 -20.37 1.71
CA TYR B 339 15.17 -19.08 2.02
C TYR B 339 15.55 -17.87 1.12
N VAL B 340 16.18 -18.13 -0.04
CA VAL B 340 16.43 -17.07 -1.06
C VAL B 340 15.12 -16.47 -1.58
N MET B 341 14.07 -17.29 -1.66
CA MET B 341 12.77 -16.78 -2.01
C MET B 341 11.98 -16.54 -0.72
N ASP B 342 11.87 -15.27 -0.33
CA ASP B 342 11.09 -14.91 0.84
C ASP B 342 9.63 -14.80 0.40
N THR B 343 8.77 -14.29 1.25
CA THR B 343 7.35 -14.24 0.95
C THR B 343 6.99 -13.33 -0.26
N SER B 344 7.79 -12.34 -0.57
CA SER B 344 7.52 -11.44 -1.71
C SER B 344 7.53 -12.17 -3.09
N TYR B 345 8.19 -13.33 -3.16
CA TYR B 345 8.14 -14.10 -4.42
C TYR B 345 6.73 -14.60 -4.71
N PRO B 346 6.17 -15.50 -3.87
CA PRO B 346 4.81 -15.89 -4.27
C PRO B 346 3.88 -14.70 -4.27
N SER B 347 4.18 -13.69 -3.47
CA SER B 347 3.31 -12.53 -3.43
C SER B 347 3.34 -11.75 -4.80
N LYS B 348 4.53 -11.40 -5.28
CA LYS B 348 4.71 -10.67 -6.56
C LYS B 348 4.16 -11.49 -7.74
N ILE B 349 4.36 -12.80 -7.65
CA ILE B 349 3.94 -13.71 -8.67
C ILE B 349 2.42 -13.75 -8.75
N GLU B 350 1.75 -13.79 -7.59
CA GLU B 350 0.27 -13.89 -7.56
C GLU B 350 -0.35 -12.58 -7.99
N ASP B 351 0.41 -11.52 -7.73
CA ASP B 351 -0.04 -10.17 -8.04
C ASP B 351 0.15 -9.85 -9.51
N ASP B 352 1.03 -10.55 -10.22
CA ASP B 352 1.31 -10.30 -11.65
C ASP B 352 0.01 -10.21 -12.48
N PRO B 353 -0.23 -9.05 -13.12
CA PRO B 353 -1.51 -8.90 -13.81
C PRO B 353 -1.44 -9.31 -15.28
N PHE B 354 -0.25 -9.64 -15.78
CA PHE B 354 -0.01 -9.83 -17.21
C PHE B 354 -0.19 -11.27 -17.66
N GLU B 355 -0.82 -11.49 -18.82
CA GLU B 355 -0.93 -12.84 -19.38
C GLU B 355 0.46 -13.43 -19.66
N ASN B 356 1.43 -12.60 -20.06
CA ASN B 356 2.79 -13.15 -20.21
C ASN B 356 3.63 -13.18 -18.94
N LEU B 357 3.03 -12.79 -17.82
CA LEU B 357 3.60 -12.92 -16.50
C LEU B 357 4.93 -12.20 -16.43
N GLU B 358 4.95 -10.98 -16.96
CA GLU B 358 6.19 -10.22 -17.03
C GLU B 358 6.77 -9.82 -15.67
N ASP B 359 5.91 -9.61 -14.68
CA ASP B 359 6.40 -9.32 -13.34
C ASP B 359 7.18 -10.54 -12.88
N THR B 360 6.65 -11.73 -13.13
CA THR B 360 7.28 -12.99 -12.73
C THR B 360 8.62 -13.15 -13.50
N ASP B 361 8.62 -12.83 -14.79
CA ASP B 361 9.84 -12.90 -15.61
C ASP B 361 10.92 -12.03 -15.04
N ASP B 362 10.57 -10.80 -14.71
CA ASP B 362 11.57 -9.82 -14.27
C ASP B 362 12.14 -10.22 -12.88
N LEU B 363 11.27 -10.74 -12.04
CA LEU B 363 11.67 -11.24 -10.73
C LEU B 363 12.73 -12.36 -10.84
N PHE B 364 12.44 -13.39 -11.64
CA PHE B 364 13.42 -14.47 -11.86
C PHE B 364 14.74 -14.07 -12.54
N LYS B 365 14.69 -13.21 -13.57
CA LYS B 365 15.92 -12.78 -14.26
C LYS B 365 16.75 -11.89 -13.33
N THR B 366 16.13 -10.91 -12.70
CA THR B 366 16.88 -9.93 -11.93
C THR B 366 17.40 -10.48 -10.61
N ASN B 367 16.59 -11.25 -9.87
CA ASN B 367 16.99 -11.71 -8.53
C ASN B 367 17.66 -13.07 -8.54
N LEU B 368 17.29 -13.94 -9.49
CA LEU B 368 17.82 -15.29 -9.49
C LEU B 368 18.60 -15.65 -10.73
N ASN B 369 18.78 -14.67 -11.62
CA ASN B 369 19.42 -14.89 -12.91
C ASN B 369 18.85 -16.09 -13.64
N ILE B 370 17.58 -16.39 -13.42
CA ILE B 370 16.94 -17.44 -14.22
C ILE B 370 16.03 -16.83 -15.29
N GLU B 371 16.35 -17.10 -16.55
CA GLU B 371 15.49 -16.76 -17.66
C GLU B 371 14.48 -17.86 -17.83
N THR B 372 13.22 -17.47 -17.89
CA THR B 372 12.12 -18.42 -17.96
C THR B 372 11.41 -18.35 -19.30
N THR B 373 10.65 -19.40 -19.63
CA THR B 373 9.74 -19.30 -20.78
C THR B 373 8.33 -18.97 -20.27
N VAL B 374 7.43 -18.51 -21.14
CA VAL B 374 6.13 -18.10 -20.66
C VAL B 374 5.48 -19.29 -20.01
N VAL B 375 5.52 -20.45 -20.66
CA VAL B 375 4.89 -21.65 -20.10
C VAL B 375 5.45 -22.05 -18.73
N GLU B 376 6.77 -21.83 -18.54
CA GLU B 376 7.38 -22.06 -17.22
C GLU B 376 6.77 -21.11 -16.20
N ARG B 377 6.58 -19.85 -16.60
CA ARG B 377 6.03 -18.88 -15.71
C ARG B 377 4.60 -19.21 -15.40
N LYS B 378 3.88 -19.78 -16.35
CA LYS B 378 2.51 -20.19 -16.09
C LYS B 378 2.43 -21.27 -14.97
N LEU B 379 3.36 -22.21 -15.02
CA LEU B 379 3.52 -23.22 -13.96
C LEU B 379 3.76 -22.54 -12.61
N ILE B 380 4.72 -21.66 -12.62
CA ILE B 380 5.19 -20.97 -11.43
C ILE B 380 4.06 -20.12 -10.80
N ARG B 381 3.31 -19.43 -11.64
CA ARG B 381 2.11 -18.76 -11.19
C ARG B 381 1.06 -19.68 -10.56
N LYS B 382 0.83 -20.84 -11.16
CA LYS B 382 -0.17 -21.77 -10.64
C LYS B 382 0.32 -22.32 -9.32
N LEU B 383 1.62 -22.52 -9.26
CA LEU B 383 2.24 -23.01 -8.04
C LEU B 383 2.14 -21.99 -6.91
N ALA B 384 2.36 -20.71 -7.22
CA ALA B 384 2.28 -19.68 -6.18
C ALA B 384 0.84 -19.62 -5.68
N GLU B 385 -0.11 -19.62 -6.60
CA GLU B 385 -1.52 -19.74 -6.18
C GLU B 385 -1.86 -20.92 -5.26
N LEU B 386 -1.42 -22.11 -5.66
CA LEU B 386 -1.75 -23.32 -4.89
C LEU B 386 -1.24 -23.15 -3.47
N VAL B 387 -0.01 -22.65 -3.39
CA VAL B 387 0.70 -22.53 -2.14
C VAL B 387 0.06 -21.46 -1.22
N GLY B 388 -0.26 -20.27 -1.77
CA GLY B 388 -1.01 -19.24 -0.97
C GLY B 388 -2.38 -19.73 -0.54
N THR B 389 -3.05 -20.40 -1.47
CA THR B 389 -4.37 -20.94 -1.20
C THR B 389 -4.41 -22.05 -0.13
N ARG B 390 -3.43 -22.96 -0.17
CA ARG B 390 -3.33 -23.98 0.88
C ARG B 390 -3.06 -23.33 2.26
N ALA B 391 -2.16 -22.36 2.31
CA ALA B 391 -1.85 -21.72 3.60
C ALA B 391 -3.10 -21.05 4.18
N ALA B 392 -3.86 -20.33 3.35
CA ALA B 392 -5.13 -19.75 3.77
C ALA B 392 -6.11 -20.81 4.29
N ARG B 393 -6.23 -21.93 3.59
CA ARG B 393 -7.24 -22.90 4.01
C ARG B 393 -6.85 -23.56 5.33
N LEU B 394 -5.56 -23.76 5.54
CA LEU B 394 -5.14 -24.39 6.81
C LEU B 394 -5.31 -23.42 7.97
N THR B 395 -4.98 -22.15 7.75
CA THR B 395 -5.22 -21.12 8.74
C THR B 395 -6.67 -21.11 9.18
N VAL B 396 -7.61 -21.14 8.26
CA VAL B 396 -9.00 -21.04 8.71
C VAL B 396 -9.52 -22.29 9.41
N CYS B 397 -8.75 -23.39 9.33
CA CYS B 397 -9.08 -24.55 10.14
C CYS B 397 -8.97 -24.16 11.61
N GLY B 398 -8.00 -23.32 11.97
CA GLY B 398 -7.83 -22.98 13.36
C GLY B 398 -8.95 -22.08 13.78
N VAL B 399 -9.37 -21.19 12.88
CA VAL B 399 -10.51 -20.31 13.09
C VAL B 399 -11.78 -21.13 13.26
N SER B 400 -12.01 -22.07 12.35
CA SER B 400 -13.19 -22.93 12.42
C SER B 400 -13.20 -23.75 13.72
N ALA B 401 -12.04 -24.30 14.10
CA ALA B 401 -11.89 -25.12 15.33
C ALA B 401 -12.37 -24.37 16.58
N ILE B 402 -11.93 -23.12 16.72
CA ILE B 402 -12.30 -22.26 17.84
C ILE B 402 -13.77 -21.91 17.80
N CYS B 403 -14.24 -21.44 16.64
CA CYS B 403 -15.64 -21.09 16.47
C CYS B 403 -16.56 -22.28 16.80
N ASP B 404 -16.21 -23.45 16.26
CA ASP B 404 -17.01 -24.66 16.52
C ASP B 404 -16.96 -25.10 17.99
N LYS B 405 -15.77 -25.10 18.60
CA LYS B 405 -15.63 -25.37 20.03
C LYS B 405 -16.62 -24.54 20.88
N ARG B 406 -16.80 -23.26 20.52
CA ARG B 406 -17.58 -22.32 21.34
C ARG B 406 -19.03 -22.12 20.90
N GLY B 407 -19.40 -22.74 19.80
CA GLY B 407 -20.73 -22.57 19.24
C GLY B 407 -20.95 -21.18 18.66
N TYR B 408 -19.90 -20.63 18.05
CA TYR B 408 -20.07 -19.37 17.35
C TYR B 408 -20.52 -19.65 15.94
N LYS B 409 -21.76 -19.29 15.59
CA LYS B 409 -22.25 -19.49 14.22
C LYS B 409 -21.93 -18.22 13.39
N THR B 410 -21.73 -17.11 14.12
CA THR B 410 -21.45 -15.78 13.57
C THR B 410 -20.25 -15.24 14.33
N ALA B 411 -19.32 -14.59 13.63
CA ALA B 411 -18.11 -14.07 14.27
C ALA B 411 -17.39 -13.12 13.36
N HIS B 412 -16.86 -12.06 13.94
CA HIS B 412 -15.74 -11.36 13.35
C HIS B 412 -14.45 -11.93 13.90
N ILE B 413 -13.53 -12.23 13.01
CA ILE B 413 -12.22 -12.75 13.40
C ILE B 413 -11.28 -11.60 13.14
N ALA B 414 -10.78 -11.00 14.21
CA ALA B 414 -9.95 -9.82 14.07
C ALA B 414 -8.52 -10.25 13.77
N ALA B 415 -8.08 -9.99 12.54
CA ALA B 415 -6.80 -10.48 11.98
C ALA B 415 -5.78 -9.36 11.77
N ASP B 416 -4.52 -9.73 11.96
CA ASP B 416 -3.40 -8.81 11.79
C ASP B 416 -2.30 -9.71 11.27
N GLY B 417 -1.13 -9.12 10.95
CA GLY B 417 0.08 -9.89 10.59
C GLY B 417 0.36 -9.67 9.10
N SER B 418 1.57 -9.96 8.64
CA SER B 418 1.97 -9.59 7.28
C SER B 418 1.30 -10.33 6.13
N VAL B 419 0.82 -11.55 6.38
CA VAL B 419 0.11 -12.36 5.41
C VAL B 419 -1.32 -11.78 5.24
N PHE B 420 -2.03 -11.59 6.34
CA PHE B 420 -3.39 -11.10 6.24
C PHE B 420 -3.38 -9.70 5.64
N ASN B 421 -2.42 -8.87 6.05
CA ASN B 421 -2.39 -7.47 5.58
C ASN B 421 -1.92 -7.30 4.14
N ARG B 422 -0.96 -8.13 3.70
CA ARG B 422 -0.31 -7.86 2.41
C ARG B 422 -0.27 -9.01 1.39
N TYR B 423 -0.53 -10.24 1.81
CA TYR B 423 -0.52 -11.33 0.87
C TYR B 423 -1.74 -11.20 -0.11
N PRO B 424 -1.47 -11.24 -1.43
CA PRO B 424 -2.43 -10.92 -2.50
C PRO B 424 -3.62 -11.87 -2.44
N GLY B 425 -4.82 -11.31 -2.37
CA GLY B 425 -6.05 -12.10 -2.37
C GLY B 425 -6.20 -13.00 -1.17
N TYR B 426 -5.38 -12.79 -0.12
CA TYR B 426 -5.49 -13.60 1.09
C TYR B 426 -6.89 -13.55 1.69
N LYS B 427 -7.49 -12.35 1.76
CA LYS B 427 -8.86 -12.27 2.35
C LYS B 427 -9.87 -13.15 1.54
N GLU B 428 -9.73 -13.12 0.21
CA GLU B 428 -10.66 -13.78 -0.68
C GLU B 428 -10.51 -15.27 -0.45
N LYS B 429 -9.26 -15.71 -0.34
CA LYS B 429 -8.92 -17.11 -0.13
C LYS B 429 -9.42 -17.61 1.22
N ALA B 430 -9.21 -16.83 2.29
CA ALA B 430 -9.75 -17.20 3.61
C ALA B 430 -11.29 -17.26 3.59
N ALA B 431 -11.88 -16.30 2.90
CA ALA B 431 -13.34 -16.18 2.90
C ALA B 431 -13.93 -17.37 2.15
N GLN B 432 -13.29 -17.77 1.05
CA GLN B 432 -13.75 -18.95 0.27
C GLN B 432 -13.54 -20.24 1.06
N ALA B 433 -12.39 -20.36 1.74
CA ALA B 433 -12.14 -21.49 2.64
C ALA B 433 -13.25 -21.62 3.70
N LEU B 434 -13.56 -20.52 4.36
CA LEU B 434 -14.58 -20.54 5.38
C LEU B 434 -15.93 -20.96 4.78
N LYS B 435 -16.24 -20.37 3.63
CA LYS B 435 -17.43 -20.75 2.87
C LYS B 435 -17.44 -22.23 2.43
N ASP B 436 -16.27 -22.85 2.23
CA ASP B 436 -16.23 -24.26 1.80
C ASP B 436 -16.49 -25.19 2.97
N ILE B 437 -15.99 -24.79 4.15
CA ILE B 437 -16.14 -25.57 5.37
C ILE B 437 -17.59 -25.62 5.81
N TYR B 438 -18.23 -24.44 5.88
CA TYR B 438 -19.61 -24.29 6.39
C TYR B 438 -20.69 -24.45 5.33
N ASN B 439 -20.28 -24.51 4.05
CA ASN B 439 -21.19 -24.63 2.91
C ASN B 439 -22.28 -23.55 2.95
N TRP B 440 -21.92 -22.29 3.21
CA TRP B 440 -22.93 -21.22 3.28
C TRP B 440 -23.52 -20.88 1.91
N ASP B 441 -24.80 -20.48 1.93
CA ASP B 441 -25.48 -19.97 0.73
C ASP B 441 -25.47 -18.45 0.64
N VAL B 442 -24.30 -17.89 0.34
CA VAL B 442 -24.11 -16.44 0.31
C VAL B 442 -23.34 -16.15 -0.96
N GLU B 443 -23.38 -14.91 -1.43
CA GLU B 443 -22.66 -14.56 -2.66
C GLU B 443 -21.69 -13.38 -2.52
N LYS B 444 -21.74 -12.68 -1.38
CA LYS B 444 -20.82 -11.59 -1.10
C LYS B 444 -20.05 -11.88 0.19
N MET B 445 -18.72 -11.74 0.18
CA MET B 445 -17.96 -12.01 1.42
C MET B 445 -18.36 -11.14 2.58
N GLU B 446 -18.89 -9.94 2.30
CA GLU B 446 -19.33 -9.00 3.35
C GLU B 446 -20.50 -9.55 4.16
N ASP B 447 -21.11 -10.61 3.66
CA ASP B 447 -22.25 -11.21 4.31
C ASP B 447 -21.98 -12.61 4.87
N HIS B 448 -20.72 -13.05 4.92
CA HIS B 448 -20.40 -14.34 5.50
C HIS B 448 -20.64 -14.31 7.01
N PRO B 449 -21.29 -15.35 7.59
CA PRO B 449 -21.57 -15.37 9.03
C PRO B 449 -20.28 -15.24 9.84
N ILE B 450 -19.23 -15.92 9.38
CA ILE B 450 -17.93 -15.88 9.98
C ILE B 450 -16.95 -15.25 9.02
N GLN B 451 -16.25 -14.24 9.49
CA GLN B 451 -15.39 -13.50 8.58
C GLN B 451 -14.24 -12.82 9.28
N LEU B 452 -13.15 -12.70 8.55
CA LEU B 452 -11.97 -12.03 9.06
C LEU B 452 -12.13 -10.55 8.78
N VAL B 453 -11.76 -9.73 9.76
CA VAL B 453 -11.80 -8.29 9.55
C VAL B 453 -10.48 -7.76 10.11
N ALA B 454 -10.09 -6.57 9.67
CA ALA B 454 -8.88 -5.94 10.18
C ALA B 454 -9.01 -5.67 11.69
N ALA B 455 -7.99 -6.08 12.43
CA ALA B 455 -7.91 -5.97 13.89
C ALA B 455 -7.48 -4.58 14.28
N GLU B 456 -7.81 -4.15 15.50
CA GLU B 456 -7.08 -3.07 16.14
C GLU B 456 -5.67 -3.47 16.59
N ASP B 457 -4.91 -2.46 17.01
CA ASP B 457 -3.52 -2.58 17.47
C ASP B 457 -3.47 -3.38 18.79
N GLY B 458 -3.02 -4.63 18.74
CA GLY B 458 -3.10 -5.46 19.95
C GLY B 458 -2.05 -5.13 21.00
N SER B 459 -0.83 -4.88 20.55
CA SER B 459 0.29 -4.75 21.45
C SER B 459 0.33 -3.36 22.13
N GLY B 460 -0.39 -2.37 21.56
CA GLY B 460 -0.53 -1.04 22.16
C GLY B 460 -1.95 -0.81 22.66
N VAL B 461 -2.85 -0.47 21.76
CA VAL B 461 -4.21 -0.26 22.19
C VAL B 461 -4.75 -1.42 23.05
N GLY B 462 -4.57 -2.66 22.61
CA GLY B 462 -5.07 -3.81 23.36
C GLY B 462 -4.48 -3.96 24.76
N ALA B 463 -3.16 -3.74 24.91
CA ALA B 463 -2.50 -3.80 26.22
C ALA B 463 -3.03 -2.73 27.17
N ALA B 464 -3.43 -1.60 26.59
CA ALA B 464 -3.96 -0.51 27.36
C ALA B 464 -5.38 -0.79 27.81
N ILE B 465 -6.21 -1.35 26.92
CA ILE B 465 -7.57 -1.70 27.31
C ILE B 465 -7.56 -2.80 28.40
N ILE B 466 -6.64 -3.75 28.25
CA ILE B 466 -6.52 -4.79 29.24
C ILE B 466 -6.12 -4.20 30.61
N ALA B 467 -5.24 -3.18 30.62
CA ALA B 467 -4.91 -2.42 31.84
C ALA B 467 -6.15 -1.76 32.43
N CYS B 468 -6.93 -1.09 31.57
CA CYS B 468 -8.20 -0.53 32.00
C CYS B 468 -9.03 -1.58 32.73
N LEU B 469 -9.29 -2.72 32.07
CA LEU B 469 -10.13 -3.75 32.69
C LEU B 469 -9.50 -4.36 33.96
N THR B 470 -8.18 -4.47 33.99
CA THR B 470 -7.52 -5.02 35.14
C THR B 470 -7.51 -4.07 36.33
N GLN B 471 -7.34 -2.78 36.05
CA GLN B 471 -7.25 -1.79 37.10
C GLN B 471 -8.58 -1.68 37.81
N LYS B 472 -9.68 -1.66 37.04
CA LYS B 472 -11.03 -1.83 37.60
C LYS B 472 -11.18 -2.99 38.61
N ARG B 473 -10.79 -4.21 38.24
CA ARG B 473 -10.90 -5.37 39.16
C ARG B 473 -10.01 -5.15 40.37
N LEU B 474 -8.79 -4.68 40.14
CA LEU B 474 -7.88 -4.38 41.26
C LEU B 474 -8.42 -3.33 42.24
N ALA B 475 -8.89 -2.20 41.71
CA ALA B 475 -9.53 -1.17 42.51
C ALA B 475 -10.68 -1.77 43.30
N ALA B 476 -11.46 -2.67 42.68
CA ALA B 476 -12.62 -3.24 43.36
C ALA B 476 -12.29 -4.38 44.35
N GLY B 477 -11.11 -4.97 44.25
CA GLY B 477 -10.78 -6.11 45.08
C GLY B 477 -11.08 -7.44 44.38
N LYS B 478 -11.25 -7.42 43.05
CA LYS B 478 -11.63 -8.62 42.33
C LYS B 478 -10.40 -9.36 41.81
N SER B 479 -10.44 -10.70 41.82
CA SER B 479 -9.25 -11.50 41.45
C SER B 479 -8.87 -11.40 39.96
N VAL B 480 -7.56 -11.37 39.72
CA VAL B 480 -7.03 -11.39 38.36
C VAL B 480 -5.99 -12.53 38.23
N GLY B 481 -6.19 -13.61 39.00
CA GLY B 481 -5.26 -14.75 39.00
C GLY B 481 -5.68 -15.79 40.00
N ILE B 482 -4.78 -16.71 40.29
CA ILE B 482 -5.18 -17.88 41.07
C ILE B 482 -5.29 -17.47 42.53
N LYS B 483 -5.96 -18.28 43.35
CA LYS B 483 -6.07 -17.89 44.76
C LYS B 483 -4.72 -17.78 45.41
N GLY B 484 -4.53 -16.70 46.14
CA GLY B 484 -3.35 -16.55 46.96
C GLY B 484 -2.38 -15.65 46.25
N GLU B 485 -2.48 -15.56 44.93
CA GLU B 485 -1.43 -14.88 44.15
C GLU B 485 -1.63 -13.38 44.21
#